data_7N6B
#
_entry.id   7N6B
#
_cell.length_a   1.00
_cell.length_b   1.00
_cell.length_c   1.00
_cell.angle_alpha   90.00
_cell.angle_beta   90.00
_cell.angle_gamma   90.00
#
_symmetry.space_group_name_H-M   'P 1'
#
loop_
_entity.id
_entity.type
_entity.pdbx_description
1 polymer 'MmpL3 transporter'
2 non-polymer '6-O-[(2S)-2-{(1S)-18-[(1R,2R)-2-hexylcyclopropyl]-1-hydroxyoctadecyl}tricosanoyl]-alpha-D-glucopyranosyl alpha-D-glucopyranoside'
#
_entity_poly.entity_id   1
_entity_poly.type   'polypeptide(L)'
_entity_poly.pdbx_seq_one_letter_code
;MFAWWGRTVYQFRYIVIGVMVALCLGGGVYGISLGNHVTQSGFYDEGSQSVAASLIGDEVYGRDRTSHVVAILTPPDDKK
VTDKAWQKKVTEELDQVVKDHEDQIVGWVGWLKAPDTTDPTVSAMKTQDLRHTFISIPLQGDDDDEILKNYQVVEPELQQ
VNGGDIRLAGLNPLASELTGTIGEDQKRAEVAAIPLVAVVLFFVFGTVIAAALPAIIGGLAIAGALGIMRLVAEFTPVHF
FAQPVVTLIGLGIAIDYGLFIVSRFREEIAEGYDTEAAVRRTVMTSGRTVVFSAVIIVASSVPLLLFPQGFLKSITYAII
ASVMLAAILSITVLAAALAILGPRVDALGVTTLLKIPFLANWQFSRRIIDWFAEKTQKTKTREEVERGFWGRLVNVVMKR
PIAFAAPILVVMVLLIIPLGQLSLGGISEKYLPPDNAVRQSQEQFDKLFPGFRTEPLTLVMKREDGEPITDAQIADMRAK
ALTVSGFTDPDNDPEKMWKERPANDSGSKDPSVRVIQNGLENRNDAAKKIDELRALQPPHGIEVFVGGTPALEQDSIHSL
FDKLPLMALILIVTTTVLMFLAFGSVVLPIKAALMSALTLGSTMGILTWMFVDGHGSGLMNYTPQPLMAPMIGLIIAVIW
GLSTDYEVFLVSRMVEARERGMSTAEAIRIGTATTGRLITGAALILAVVAGAFVFSDLVMMKYLAFGLLIALLLDATIIR
MFLVPAVMKLLGDDCWWAPRWMKRVQEKLGLGETELPDERKRPTVRESETDQRALVGVGAPPPPPRPHDPTHPAPEPVRP
MPPMRSNAPSAAGTARISTPPQPPQPPQAPAQQAGDEPATTRFAMARNAVRNAVNSAVHGGAGSAAAPTERAPRPGGPAQ
PPAPPQREEREIESWLGALRGPAPAKNVPQPPAQPQRPSTDTTRAMPPQGRPPAGPADRGNENAPTTAFSAQRPPNGGAP
ADATTAIPTPPQREQEPSTEKLNTREDAPEDPETKRRGGGMSAQDLLRREGRL
;
_entity_poly.pdbx_strand_id   A
#
# COMPACT_ATOMS: atom_id res chain seq x y z
N MET A 1 -20.54 -23.46 16.01
CA MET A 1 -20.08 -22.07 16.09
C MET A 1 -20.72 -21.22 15.00
N PHE A 2 -20.67 -21.73 13.78
CA PHE A 2 -21.26 -21.02 12.64
C PHE A 2 -22.73 -21.37 12.43
N ALA A 3 -23.15 -22.57 12.83
CA ALA A 3 -24.57 -22.90 12.77
C ALA A 3 -25.38 -22.03 13.72
N TRP A 4 -24.86 -21.78 14.92
CA TRP A 4 -25.55 -20.93 15.87
C TRP A 4 -25.69 -19.51 15.33
N TRP A 5 -24.64 -18.99 14.71
CA TRP A 5 -24.73 -17.67 14.10
C TRP A 5 -25.71 -17.68 12.93
N GLY A 6 -25.71 -18.74 12.13
CA GLY A 6 -26.64 -18.82 11.02
C GLY A 6 -28.08 -18.82 11.50
N ARG A 7 -28.35 -19.47 12.62
CA ARG A 7 -29.69 -19.42 13.21
C ARG A 7 -30.03 -18.03 13.70
N THR A 8 -29.13 -17.43 14.49
CA THR A 8 -29.46 -16.19 15.17
C THR A 8 -29.51 -14.99 14.23
N VAL A 9 -28.73 -15.00 13.14
CA VAL A 9 -28.75 -13.86 12.23
C VAL A 9 -30.08 -13.78 11.50
N TYR A 10 -30.64 -14.94 11.11
CA TYR A 10 -31.98 -14.91 10.53
C TYR A 10 -33.03 -14.60 11.57
N GLN A 11 -32.92 -15.21 12.75
CA GLN A 11 -33.93 -14.98 13.78
C GLN A 11 -33.87 -13.54 14.27
N PHE A 12 -32.67 -13.07 14.61
CA PHE A 12 -32.46 -11.69 15.04
C PHE A 12 -31.93 -10.86 13.88
N ARG A 13 -32.78 -10.66 12.88
CA ARG A 13 -32.35 -10.03 11.64
C ARG A 13 -32.68 -8.54 11.55
N TYR A 14 -33.77 -8.08 12.16
CA TYR A 14 -34.11 -6.66 12.12
C TYR A 14 -33.40 -5.87 13.21
N ILE A 15 -32.75 -6.55 14.16
CA ILE A 15 -31.95 -5.89 15.18
C ILE A 15 -30.47 -5.97 14.86
N VAL A 16 -30.10 -6.50 13.69
CA VAL A 16 -28.72 -6.47 13.23
C VAL A 16 -28.51 -5.38 12.20
N ILE A 17 -29.44 -5.28 11.24
CA ILE A 17 -29.31 -4.32 10.15
C ILE A 17 -29.16 -2.91 10.71
N GLY A 18 -30.06 -2.52 11.59
CA GLY A 18 -30.05 -1.19 12.16
C GLY A 18 -28.76 -0.87 12.89
N VAL A 19 -28.36 -1.73 13.83
CA VAL A 19 -27.21 -1.41 14.67
C VAL A 19 -25.93 -1.37 13.84
N MET A 20 -25.69 -2.40 13.02
CA MET A 20 -24.43 -2.48 12.31
C MET A 20 -24.45 -1.77 10.96
N VAL A 21 -25.54 -1.09 10.63
CA VAL A 21 -25.48 -0.08 9.57
C VAL A 21 -25.32 1.32 10.15
N ALA A 22 -25.99 1.61 11.27
CA ALA A 22 -25.84 2.90 11.92
C ALA A 22 -24.42 3.10 12.43
N LEU A 23 -23.81 2.06 12.99
CA LEU A 23 -22.44 2.20 13.47
C LEU A 23 -21.47 2.50 12.33
N CYS A 24 -21.62 1.79 11.21
CA CYS A 24 -20.74 2.03 10.07
C CYS A 24 -20.97 3.40 9.44
N LEU A 25 -22.23 3.84 9.34
CA LEU A 25 -22.50 5.16 8.80
C LEU A 25 -21.93 6.25 9.71
N GLY A 26 -22.09 6.10 11.03
CA GLY A 26 -21.51 7.05 11.96
C GLY A 26 -20.00 7.07 11.89
N GLY A 27 -19.37 5.90 11.74
CA GLY A 27 -17.94 5.85 11.56
C GLY A 27 -17.50 6.57 10.30
N GLY A 28 -18.24 6.39 9.20
CA GLY A 28 -17.91 7.09 7.97
C GLY A 28 -18.03 8.60 8.12
N VAL A 29 -19.10 9.05 8.78
CA VAL A 29 -19.28 10.50 8.99
C VAL A 29 -18.17 11.04 9.89
N TYR A 30 -17.74 10.25 10.87
CA TYR A 30 -16.67 10.69 11.76
C TYR A 30 -15.32 10.71 11.05
N GLY A 31 -15.10 9.80 10.11
CA GLY A 31 -13.82 9.66 9.45
C GLY A 31 -13.70 10.28 8.07
N ILE A 32 -14.73 10.98 7.58
CA ILE A 32 -14.58 11.72 6.33
C ILE A 32 -13.39 12.67 6.38
N SER A 33 -13.05 13.16 7.58
CA SER A 33 -11.92 14.07 7.77
C SER A 33 -10.64 13.32 8.14
N LEU A 34 -10.48 12.09 7.66
CA LEU A 34 -9.28 11.33 7.97
C LEU A 34 -8.03 12.00 7.39
N GLY A 35 -8.17 12.60 6.22
CA GLY A 35 -7.04 13.26 5.58
C GLY A 35 -6.54 14.49 6.30
N ASN A 36 -7.30 15.02 7.26
CA ASN A 36 -6.87 16.17 8.03
C ASN A 36 -6.08 15.79 9.27
N HIS A 37 -5.86 14.51 9.51
CA HIS A 37 -5.10 14.02 10.67
C HIS A 37 -4.10 12.97 10.23
N VAL A 38 -3.50 13.13 9.07
CA VAL A 38 -2.50 12.21 8.57
C VAL A 38 -1.12 12.82 8.77
N THR A 39 -0.12 11.95 8.91
CA THR A 39 1.26 12.36 9.08
C THR A 39 2.08 11.85 7.91
N GLN A 40 2.92 12.73 7.35
CA GLN A 40 3.67 12.41 6.15
C GLN A 40 4.88 11.52 6.44
N SER A 41 5.38 11.50 7.67
CA SER A 41 6.56 10.74 8.02
C SER A 41 6.19 9.30 8.35
N GLY A 42 7.22 8.48 8.55
CA GLY A 42 7.02 7.10 8.93
C GLY A 42 7.81 6.10 8.10
N PHE A 43 8.76 6.58 7.30
CA PHE A 43 9.56 5.73 6.44
C PHE A 43 10.87 5.29 7.08
N TYR A 44 11.12 5.65 8.33
CA TYR A 44 12.43 5.47 8.94
C TYR A 44 12.35 4.56 10.17
N ASP A 45 13.44 3.86 10.42
CA ASP A 45 13.58 3.05 11.63
C ASP A 45 13.78 3.96 12.83
N GLU A 46 12.70 4.32 13.50
CA GLU A 46 12.74 5.30 14.58
C GLU A 46 13.52 4.82 15.80
N GLY A 47 14.03 3.59 15.80
CA GLY A 47 14.84 3.13 16.90
C GLY A 47 16.32 3.12 16.55
N SER A 48 16.64 3.50 15.32
CA SER A 48 17.99 3.38 14.80
C SER A 48 18.86 4.54 15.25
N GLN A 49 20.18 4.37 15.01
CA GLN A 49 21.16 5.38 15.38
C GLN A 49 21.01 6.66 14.55
N SER A 50 20.61 6.55 13.29
CA SER A 50 20.41 7.72 12.44
C SER A 50 19.28 8.61 12.93
N VAL A 51 18.17 8.03 13.37
CA VAL A 51 17.07 8.83 13.88
C VAL A 51 17.46 9.52 15.18
N ALA A 52 18.21 8.82 16.04
CA ALA A 52 18.71 9.45 17.25
C ALA A 52 19.62 10.62 16.92
N ALA A 53 20.52 10.44 15.94
CA ALA A 53 21.39 11.53 15.52
C ALA A 53 20.57 12.70 14.99
N SER A 54 19.55 12.41 14.19
CA SER A 54 18.72 13.48 13.64
C SER A 54 18.04 14.27 14.74
N LEU A 55 17.46 13.58 15.73
CA LEU A 55 16.81 14.26 16.83
C LEU A 55 17.79 15.11 17.63
N ILE A 56 18.96 14.56 17.95
CA ILE A 56 19.92 15.30 18.77
C ILE A 56 20.43 16.53 18.03
N GLY A 57 20.75 16.37 16.74
CA GLY A 57 21.17 17.53 15.96
C GLY A 57 20.10 18.59 15.84
N ASP A 58 18.85 18.16 15.62
CA ASP A 58 17.77 19.13 15.50
C ASP A 58 17.53 19.87 16.81
N GLU A 59 17.61 19.18 17.95
CA GLU A 59 17.34 19.86 19.21
C GLU A 59 18.55 20.59 19.77
N VAL A 60 19.74 20.37 19.23
CA VAL A 60 20.93 21.11 19.64
C VAL A 60 21.30 22.18 18.63
N TYR A 61 21.26 21.85 17.33
CA TYR A 61 21.64 22.80 16.29
C TYR A 61 20.46 23.46 15.62
N GLY A 62 19.24 23.07 15.93
CA GLY A 62 18.07 23.69 15.34
C GLY A 62 17.59 22.96 14.10
N ARG A 63 16.29 23.04 13.85
CA ARG A 63 15.72 22.43 12.66
C ARG A 63 16.14 23.22 11.43
N ASP A 64 16.81 22.54 10.51
CA ASP A 64 17.25 23.17 9.26
C ASP A 64 16.02 23.41 8.37
N ARG A 65 15.61 24.66 8.27
CA ARG A 65 14.48 25.05 7.42
C ARG A 65 14.92 25.79 6.17
N THR A 66 16.23 25.80 5.87
CA THR A 66 16.73 26.52 4.71
C THR A 66 16.39 25.83 3.40
N SER A 67 16.08 24.53 3.44
CA SER A 67 15.76 23.77 2.24
C SER A 67 14.27 23.51 2.08
N HIS A 68 13.43 24.20 2.86
CA HIS A 68 11.99 23.94 2.87
C HIS A 68 11.36 24.15 1.50
N VAL A 69 11.36 25.40 1.03
CA VAL A 69 10.93 25.71 -0.31
C VAL A 69 11.94 26.68 -0.93
N VAL A 70 12.48 26.31 -2.08
CA VAL A 70 13.31 27.17 -2.90
C VAL A 70 12.49 27.59 -4.11
N ALA A 71 12.69 28.83 -4.53
CA ALA A 71 11.98 29.38 -5.68
C ALA A 71 12.99 29.96 -6.66
N ILE A 72 12.94 29.51 -7.90
CA ILE A 72 13.78 30.02 -8.97
C ILE A 72 13.02 31.14 -9.67
N LEU A 73 13.62 32.31 -9.71
CA LEU A 73 13.06 33.51 -10.31
C LEU A 73 13.79 33.83 -11.59
N THR A 74 13.03 34.15 -12.63
CA THR A 74 13.54 34.53 -13.95
C THR A 74 12.92 35.86 -14.34
N PRO A 75 13.71 36.86 -14.70
CA PRO A 75 13.14 38.13 -15.15
C PRO A 75 12.40 37.96 -16.46
N PRO A 76 11.30 38.66 -16.66
CA PRO A 76 10.61 38.62 -17.95
C PRO A 76 11.45 39.25 -19.06
N ASP A 77 10.98 39.13 -20.30
CA ASP A 77 11.71 39.59 -21.48
C ASP A 77 13.11 38.98 -21.51
N ASP A 78 14.12 39.79 -21.86
CA ASP A 78 15.49 39.35 -21.93
C ASP A 78 16.31 39.70 -20.71
N LYS A 79 15.92 40.73 -19.98
CA LYS A 79 16.79 41.40 -19.03
C LYS A 79 17.22 40.48 -17.90
N LYS A 80 18.41 40.77 -17.36
CA LYS A 80 19.07 39.92 -16.38
C LYS A 80 18.58 40.22 -14.98
N VAL A 81 18.88 39.30 -14.06
CA VAL A 81 18.46 39.44 -12.67
C VAL A 81 19.09 40.65 -12.00
N THR A 82 20.00 41.34 -12.68
CA THR A 82 20.57 42.56 -12.15
C THR A 82 19.70 43.78 -12.44
N ASP A 83 18.58 43.60 -13.14
CA ASP A 83 17.70 44.72 -13.43
C ASP A 83 17.08 45.26 -12.15
N LYS A 84 17.36 46.52 -11.85
CA LYS A 84 16.85 47.12 -10.62
C LYS A 84 15.34 47.31 -10.68
N ALA A 85 14.78 47.58 -11.86
CA ALA A 85 13.33 47.62 -11.99
C ALA A 85 12.73 46.25 -11.71
N TRP A 86 13.35 45.18 -12.21
CA TRP A 86 12.88 43.83 -11.90
C TRP A 86 13.12 43.49 -10.44
N GLN A 87 14.30 43.80 -9.93
CA GLN A 87 14.66 43.45 -8.55
C GLN A 87 13.75 44.13 -7.54
N LYS A 88 13.48 45.42 -7.75
CA LYS A 88 12.56 46.14 -6.88
C LYS A 88 11.20 45.46 -6.83
N LYS A 89 10.64 45.17 -8.00
CA LYS A 89 9.28 44.64 -8.05
C LYS A 89 9.20 43.25 -7.43
N VAL A 90 10.16 42.37 -7.75
CA VAL A 90 10.11 41.02 -7.19
C VAL A 90 10.37 41.07 -5.69
N THR A 91 11.23 41.98 -5.25
CA THR A 91 11.48 42.15 -3.83
C THR A 91 10.21 42.57 -3.10
N GLU A 92 9.50 43.56 -3.64
CA GLU A 92 8.29 44.04 -2.97
C GLU A 92 7.19 42.98 -2.98
N GLU A 93 7.06 42.24 -4.08
CA GLU A 93 6.09 41.15 -4.09
C GLU A 93 6.44 40.05 -3.09
N LEU A 94 7.72 39.71 -2.95
CA LEU A 94 8.12 38.73 -1.94
C LEU A 94 7.84 39.26 -0.54
N ASP A 95 8.08 40.55 -0.33
CA ASP A 95 7.79 41.17 0.96
C ASP A 95 6.31 41.09 1.27
N GLN A 96 5.45 41.35 0.28
CA GLN A 96 4.01 41.17 0.48
C GLN A 96 3.64 39.73 0.78
N VAL A 97 4.21 38.77 0.07
CA VAL A 97 3.91 37.37 0.33
C VAL A 97 4.29 37.01 1.76
N VAL A 98 5.45 37.45 2.22
CA VAL A 98 5.88 37.17 3.59
C VAL A 98 4.96 37.85 4.59
N LYS A 99 4.66 39.15 4.38
CA LYS A 99 3.93 39.91 5.38
C LYS A 99 2.49 39.41 5.52
N ASP A 100 1.81 39.21 4.39
CA ASP A 100 0.41 38.80 4.44
C ASP A 100 0.26 37.37 4.93
N HIS A 101 1.36 36.63 5.06
CA HIS A 101 1.29 35.25 5.53
C HIS A 101 2.36 34.99 6.60
N GLU A 102 2.46 35.89 7.58
CA GLU A 102 3.53 35.82 8.57
C GLU A 102 3.44 34.59 9.45
N ASP A 103 2.25 34.03 9.64
CA ASP A 103 2.12 32.85 10.47
C ASP A 103 2.60 31.59 9.77
N GLN A 104 2.91 31.67 8.49
CA GLN A 104 3.36 30.53 7.70
C GLN A 104 4.78 30.67 7.18
N ILE A 105 5.34 31.87 7.17
CA ILE A 105 6.61 32.14 6.52
C ILE A 105 7.51 32.89 7.49
N VAL A 106 8.65 32.29 7.83
CA VAL A 106 9.66 33.00 8.61
C VAL A 106 10.18 34.19 7.82
N GLY A 107 10.46 33.98 6.54
CA GLY A 107 10.95 35.04 5.68
C GLY A 107 11.45 34.42 4.39
N TRP A 108 12.17 35.24 3.62
CA TRP A 108 12.88 34.74 2.46
C TRP A 108 14.29 35.28 2.50
N VAL A 109 15.26 34.45 2.14
CA VAL A 109 16.66 34.84 2.12
C VAL A 109 17.27 34.42 0.81
N GLY A 110 18.19 35.23 0.30
CA GLY A 110 18.86 34.91 -0.94
C GLY A 110 19.64 36.11 -1.45
N TRP A 111 20.31 35.89 -2.57
CA TRP A 111 21.11 36.96 -3.18
C TRP A 111 20.23 38.14 -3.58
N LEU A 112 18.95 37.90 -3.85
CA LEU A 112 18.08 38.98 -4.28
C LEU A 112 17.75 39.93 -3.14
N LYS A 113 17.87 39.48 -1.88
CA LYS A 113 17.67 40.36 -0.74
C LYS A 113 18.89 41.24 -0.48
N ALA A 114 20.08 40.75 -0.77
CA ALA A 114 21.32 41.53 -0.64
C ALA A 114 22.06 41.46 -1.96
N PRO A 115 21.54 42.12 -3.00
CA PRO A 115 22.11 41.93 -4.34
C PRO A 115 23.56 42.33 -4.46
N ASP A 116 24.00 43.34 -3.73
CA ASP A 116 25.38 43.81 -3.75
C ASP A 116 26.04 43.28 -2.48
N THR A 117 26.63 42.08 -2.59
CA THR A 117 27.16 41.36 -1.44
C THR A 117 28.52 40.79 -1.79
N THR A 118 29.12 40.07 -0.85
CA THR A 118 30.46 39.53 -1.02
C THR A 118 30.61 38.06 -0.68
N ASP A 119 29.61 37.43 -0.05
CA ASP A 119 29.73 36.04 0.36
C ASP A 119 29.80 35.14 -0.87
N PRO A 120 30.83 34.31 -1.04
CA PRO A 120 30.84 33.38 -2.18
C PRO A 120 29.63 32.47 -2.22
N THR A 121 29.19 31.96 -1.07
CA THR A 121 28.05 31.07 -1.04
C THR A 121 26.75 31.78 -1.42
N VAL A 122 26.57 33.03 -0.96
CA VAL A 122 25.38 33.77 -1.33
C VAL A 122 25.43 34.16 -2.81
N SER A 123 26.59 34.61 -3.28
CA SER A 123 26.72 34.97 -4.68
C SER A 123 26.63 33.77 -5.61
N ALA A 124 26.76 32.56 -5.07
CA ALA A 124 26.54 31.34 -5.84
C ALA A 124 25.07 30.97 -5.93
N MET A 125 24.18 31.82 -5.42
CA MET A 125 22.75 31.57 -5.49
C MET A 125 22.14 32.11 -6.77
N LYS A 126 22.95 32.71 -7.64
CA LYS A 126 22.52 33.18 -8.95
C LYS A 126 23.38 32.52 -10.01
N THR A 127 22.80 32.35 -11.20
CA THR A 127 23.50 31.70 -12.28
C THR A 127 24.57 32.63 -12.86
N GLN A 128 25.55 32.03 -13.52
CA GLN A 128 26.60 32.81 -14.18
C GLN A 128 26.04 33.67 -15.29
N ASP A 129 25.07 33.16 -16.05
CA ASP A 129 24.50 33.88 -17.17
C ASP A 129 23.55 35.00 -16.76
N LEU A 130 23.40 35.24 -15.46
CA LEU A 130 22.56 36.32 -14.94
C LEU A 130 21.12 36.19 -15.42
N ARG A 131 20.63 34.96 -15.51
CA ARG A 131 19.29 34.73 -16.01
C ARG A 131 18.33 34.19 -14.97
N HIS A 132 18.84 33.48 -13.96
CA HIS A 132 18.02 32.88 -12.93
C HIS A 132 18.65 33.16 -11.58
N THR A 133 17.82 33.44 -10.59
CA THR A 133 18.25 33.54 -9.20
C THR A 133 17.36 32.59 -8.43
N PHE A 134 17.76 32.19 -7.22
CA PHE A 134 16.78 31.47 -6.42
C PHE A 134 16.81 32.00 -5.00
N ILE A 135 15.71 31.78 -4.31
CA ILE A 135 15.50 32.21 -2.93
C ILE A 135 15.04 31.00 -2.13
N SER A 136 15.25 31.05 -0.83
CA SER A 136 14.74 30.03 0.07
C SER A 136 13.78 30.69 1.05
N ILE A 137 12.60 30.11 1.19
CA ILE A 137 11.56 30.68 2.02
C ILE A 137 11.31 29.72 3.18
N PRO A 138 11.97 29.91 4.32
CA PRO A 138 11.71 29.03 5.47
C PRO A 138 10.26 29.16 5.91
N LEU A 139 9.72 28.05 6.41
CA LEU A 139 8.32 27.97 6.79
C LEU A 139 8.19 27.68 8.26
N GLN A 140 7.26 28.35 8.91
CA GLN A 140 7.04 28.18 10.34
C GLN A 140 6.40 26.84 10.62
N GLY A 141 6.90 26.14 11.62
CA GLY A 141 6.36 24.84 11.99
C GLY A 141 7.30 24.03 12.84
N ASP A 142 6.76 23.10 13.63
CA ASP A 142 7.58 22.24 14.47
C ASP A 142 7.77 20.85 13.90
N ASP A 143 6.85 20.37 13.07
CA ASP A 143 6.96 19.08 12.41
C ASP A 143 6.66 19.23 10.93
N ASP A 144 6.94 18.16 10.18
CA ASP A 144 6.78 18.21 8.73
C ASP A 144 5.33 18.48 8.32
N ASP A 145 4.36 17.98 9.10
CA ASP A 145 2.96 18.19 8.75
C ASP A 145 2.59 19.66 8.83
N GLU A 146 3.01 20.34 9.90
CA GLU A 146 2.71 21.76 10.04
C GLU A 146 3.38 22.58 8.94
N ILE A 147 4.63 22.25 8.61
CA ILE A 147 5.34 22.96 7.56
C ILE A 147 4.65 22.76 6.22
N LEU A 148 4.24 21.52 5.92
CA LEU A 148 3.55 21.24 4.68
C LEU A 148 2.22 21.98 4.60
N LYS A 149 1.49 22.04 5.72
CA LYS A 149 0.22 22.77 5.72
C LYS A 149 0.46 24.25 5.47
N ASN A 150 1.49 24.82 6.08
CA ASN A 150 1.81 26.22 5.84
C ASN A 150 2.19 26.47 4.39
N TYR A 151 2.97 25.56 3.80
CA TYR A 151 3.33 25.70 2.39
C TYR A 151 2.09 25.63 1.51
N GLN A 152 1.16 24.73 1.82
CA GLN A 152 -0.07 24.64 1.05
C GLN A 152 -0.93 25.87 1.23
N VAL A 153 -0.84 26.52 2.39
CA VAL A 153 -1.52 27.80 2.56
C VAL A 153 -0.94 28.85 1.63
N VAL A 154 0.39 28.94 1.57
CA VAL A 154 1.03 30.04 0.82
C VAL A 154 1.20 29.75 -0.65
N GLU A 155 0.98 28.52 -1.11
CA GLU A 155 1.21 28.16 -2.50
C GLU A 155 0.49 29.04 -3.53
N PRO A 156 -0.81 29.34 -3.43
CA PRO A 156 -1.44 30.16 -4.48
C PRO A 156 -0.81 31.54 -4.65
N GLU A 157 -0.41 32.19 -3.56
CA GLU A 157 0.20 33.50 -3.66
C GLU A 157 1.66 33.44 -4.04
N LEU A 158 2.38 32.45 -3.52
CA LEU A 158 3.79 32.25 -3.87
C LEU A 158 3.95 31.89 -5.35
N GLN A 159 2.88 31.49 -6.01
CA GLN A 159 2.95 31.12 -7.42
C GLN A 159 2.67 32.29 -8.36
N GLN A 160 2.12 33.38 -7.86
CA GLN A 160 1.87 34.56 -8.70
C GLN A 160 2.99 35.58 -8.63
N VAL A 161 4.07 35.30 -7.90
CA VAL A 161 5.21 36.20 -7.86
C VAL A 161 5.87 36.24 -9.23
N ASN A 162 6.39 37.42 -9.60
CA ASN A 162 7.07 37.62 -10.87
C ASN A 162 6.13 37.38 -12.06
N GLY A 163 4.84 37.58 -11.86
CA GLY A 163 3.87 37.29 -12.89
C GLY A 163 3.71 35.82 -13.19
N GLY A 164 4.35 34.94 -12.44
CA GLY A 164 4.29 33.51 -12.69
C GLY A 164 5.65 32.96 -13.03
N ASP A 165 6.58 33.83 -13.39
CA ASP A 165 7.95 33.42 -13.68
C ASP A 165 8.65 33.09 -12.38
N ILE A 166 8.19 32.01 -11.75
CA ILE A 166 8.77 31.51 -10.51
C ILE A 166 8.49 30.02 -10.44
N ARG A 167 9.54 29.23 -10.21
CA ARG A 167 9.43 27.78 -10.17
C ARG A 167 9.82 27.28 -8.80
N LEU A 168 8.90 26.57 -8.15
CA LEU A 168 9.07 26.18 -6.76
C LEU A 168 9.54 24.73 -6.69
N ALA A 169 10.69 24.54 -6.05
CA ALA A 169 11.21 23.24 -5.70
C ALA A 169 11.44 23.23 -4.19
N GLY A 170 12.00 22.15 -3.68
CA GLY A 170 12.28 22.02 -2.27
C GLY A 170 11.47 20.89 -1.65
N LEU A 171 11.58 20.80 -0.32
CA LEU A 171 10.96 19.69 0.38
C LEU A 171 9.44 19.74 0.26
N ASN A 172 8.84 20.88 0.55
CA ASN A 172 7.39 21.00 0.61
C ASN A 172 6.71 21.08 -0.75
N PRO A 173 7.30 21.73 -1.76
CA PRO A 173 6.73 21.59 -3.11
C PRO A 173 6.66 20.14 -3.56
N LEU A 174 7.66 19.33 -3.19
CA LEU A 174 7.63 17.92 -3.51
C LEU A 174 6.57 17.19 -2.68
N ALA A 175 6.50 17.52 -1.39
CA ALA A 175 5.55 16.83 -0.50
C ALA A 175 4.11 17.14 -0.87
N SER A 176 3.83 18.37 -1.31
CA SER A 176 2.47 18.73 -1.68
C SER A 176 1.96 17.88 -2.83
N GLU A 177 2.80 17.67 -3.85
CA GLU A 177 2.42 16.79 -4.93
C GLU A 177 2.42 15.32 -4.54
N LEU A 178 3.34 14.89 -3.68
CA LEU A 178 3.33 13.51 -3.23
C LEU A 178 2.10 13.19 -2.39
N THR A 179 1.48 14.20 -1.78
CA THR A 179 0.22 14.02 -1.07
C THR A 179 -1.01 14.26 -1.92
N GLY A 180 -0.93 15.10 -2.95
CA GLY A 180 -2.08 15.31 -3.81
C GLY A 180 -2.34 14.15 -4.77
N THR A 181 -1.31 13.36 -5.07
CA THR A 181 -1.52 12.18 -5.89
C THR A 181 -2.45 11.19 -5.19
N ILE A 182 -2.41 11.16 -3.85
CA ILE A 182 -3.32 10.30 -3.10
C ILE A 182 -4.77 10.73 -3.36
N GLY A 183 -5.04 12.02 -3.27
CA GLY A 183 -6.39 12.51 -3.51
C GLY A 183 -6.83 12.29 -4.94
N GLU A 184 -5.92 12.47 -5.90
CA GLU A 184 -6.28 12.26 -7.30
C GLU A 184 -6.56 10.78 -7.58
N ASP A 185 -5.78 9.88 -6.95
CA ASP A 185 -6.03 8.45 -7.09
C ASP A 185 -7.39 8.09 -6.51
N GLN A 186 -7.71 8.64 -5.33
CA GLN A 186 -9.02 8.40 -4.74
C GLN A 186 -10.14 8.92 -5.63
N LYS A 187 -9.91 10.09 -6.25
CA LYS A 187 -10.93 10.65 -7.13
C LYS A 187 -11.18 9.75 -8.32
N ARG A 188 -10.13 9.22 -8.94
CA ARG A 188 -10.35 8.30 -10.05
C ARG A 188 -11.03 7.02 -9.56
N ALA A 189 -10.61 6.49 -8.41
CA ALA A 189 -11.23 5.28 -7.90
C ALA A 189 -12.71 5.49 -7.61
N GLU A 190 -13.11 6.71 -7.26
CA GLU A 190 -14.51 6.99 -6.97
C GLU A 190 -15.32 7.31 -8.22
N VAL A 191 -14.71 7.89 -9.26
CA VAL A 191 -15.48 8.31 -10.41
C VAL A 191 -15.50 7.28 -11.54
N ALA A 192 -14.48 6.42 -11.62
CA ALA A 192 -14.36 5.49 -12.74
C ALA A 192 -14.44 4.04 -12.30
N ALA A 193 -13.79 3.66 -11.21
CA ALA A 193 -13.78 2.27 -10.80
C ALA A 193 -15.15 1.80 -10.35
N ILE A 194 -15.89 2.67 -9.66
CA ILE A 194 -17.19 2.26 -9.10
C ILE A 194 -18.17 1.82 -10.17
N PRO A 195 -18.39 2.56 -11.26
CA PRO A 195 -19.29 2.04 -12.30
C PRO A 195 -18.85 0.70 -12.89
N LEU A 196 -17.55 0.50 -13.08
CA LEU A 196 -17.08 -0.78 -13.59
C LEU A 196 -17.36 -1.90 -12.60
N VAL A 197 -17.15 -1.64 -11.30
CA VAL A 197 -17.48 -2.64 -10.29
C VAL A 197 -18.97 -2.96 -10.32
N ALA A 198 -19.82 -1.94 -10.47
CA ALA A 198 -21.25 -2.13 -10.52
C ALA A 198 -21.70 -2.83 -11.79
N VAL A 199 -20.86 -2.81 -12.82
CA VAL A 199 -21.17 -3.52 -14.06
C VAL A 199 -20.79 -4.99 -13.91
N VAL A 200 -19.61 -5.24 -13.33
CA VAL A 200 -19.19 -6.62 -13.08
C VAL A 200 -20.15 -7.30 -12.11
N LEU A 201 -20.64 -6.56 -11.12
CA LEU A 201 -21.59 -7.13 -10.17
C LEU A 201 -22.90 -7.50 -10.87
N PHE A 202 -23.36 -6.65 -11.79
CA PHE A 202 -24.58 -6.98 -12.53
C PHE A 202 -24.37 -8.16 -13.47
N PHE A 203 -23.18 -8.30 -14.04
CA PHE A 203 -22.93 -9.44 -14.91
C PHE A 203 -22.68 -10.72 -14.12
N VAL A 204 -22.31 -10.64 -12.85
CA VAL A 204 -22.19 -11.85 -12.05
C VAL A 204 -23.53 -12.24 -11.41
N PHE A 205 -24.43 -11.29 -11.18
CA PHE A 205 -25.71 -11.61 -10.57
C PHE A 205 -26.90 -11.51 -11.51
N GLY A 206 -26.96 -10.48 -12.34
CA GLY A 206 -28.09 -10.30 -13.23
C GLY A 206 -29.28 -9.63 -12.61
N THR A 207 -29.23 -9.31 -11.31
CA THR A 207 -30.29 -8.60 -10.61
C THR A 207 -29.69 -7.37 -9.97
N VAL A 208 -30.46 -6.26 -9.97
CA VAL A 208 -29.95 -5.02 -9.40
C VAL A 208 -29.78 -5.15 -7.88
N ILE A 209 -30.73 -5.82 -7.22
CA ILE A 209 -30.64 -5.96 -5.77
C ILE A 209 -29.51 -6.92 -5.40
N ALA A 210 -29.43 -8.05 -6.11
CA ALA A 210 -28.39 -9.03 -5.83
C ALA A 210 -27.01 -8.45 -6.09
N ALA A 211 -26.85 -7.69 -7.16
CA ALA A 211 -25.57 -7.07 -7.46
C ALA A 211 -25.27 -5.93 -6.49
N ALA A 212 -26.29 -5.18 -6.09
CA ALA A 212 -26.09 -4.01 -5.26
C ALA A 212 -25.73 -4.35 -3.82
N LEU A 213 -26.24 -5.46 -3.29
CA LEU A 213 -25.98 -5.78 -1.90
C LEU A 213 -24.48 -5.89 -1.59
N PRO A 214 -23.66 -6.62 -2.37
CA PRO A 214 -22.22 -6.58 -2.09
C PRO A 214 -21.61 -5.19 -2.22
N ALA A 215 -22.10 -4.37 -3.15
CA ALA A 215 -21.58 -3.02 -3.28
C ALA A 215 -21.86 -2.20 -2.03
N ILE A 216 -23.08 -2.31 -1.50
CA ILE A 216 -23.42 -1.61 -0.26
C ILE A 216 -22.56 -2.12 0.89
N ILE A 217 -22.33 -3.43 0.95
CA ILE A 217 -21.47 -3.96 2.01
C ILE A 217 -20.06 -3.41 1.90
N GLY A 218 -19.52 -3.34 0.68
CA GLY A 218 -18.19 -2.79 0.50
C GLY A 218 -18.10 -1.32 0.87
N GLY A 219 -19.12 -0.55 0.50
CA GLY A 219 -19.15 0.86 0.88
C GLY A 219 -19.20 1.04 2.38
N LEU A 220 -20.04 0.25 3.05
CA LEU A 220 -20.10 0.30 4.51
C LEU A 220 -18.76 -0.09 5.12
N ALA A 221 -18.10 -1.09 4.54
CA ALA A 221 -16.80 -1.51 5.05
C ALA A 221 -15.76 -0.41 4.94
N ILE A 222 -15.71 0.28 3.80
CA ILE A 222 -14.71 1.33 3.66
C ILE A 222 -15.04 2.51 4.56
N ALA A 223 -16.34 2.85 4.69
CA ALA A 223 -16.71 3.94 5.59
C ALA A 223 -16.29 3.63 7.02
N GLY A 224 -16.57 2.41 7.49
CA GLY A 224 -16.17 2.05 8.83
C GLY A 224 -14.67 1.97 9.00
N ALA A 225 -13.95 1.53 7.95
CA ALA A 225 -12.50 1.49 8.04
C ALA A 225 -11.91 2.88 8.18
N LEU A 226 -12.41 3.84 7.39
CA LEU A 226 -11.97 5.21 7.56
C LEU A 226 -12.32 5.75 8.94
N GLY A 227 -13.49 5.39 9.47
CA GLY A 227 -13.83 5.81 10.81
C GLY A 227 -12.89 5.24 11.86
N ILE A 228 -12.59 3.95 11.76
CA ILE A 228 -11.70 3.31 12.73
C ILE A 228 -10.31 3.91 12.66
N MET A 229 -9.81 4.17 11.45
CA MET A 229 -8.47 4.77 11.35
C MET A 229 -8.46 6.23 11.80
N ARG A 230 -9.56 6.96 11.60
CA ARG A 230 -9.63 8.30 12.16
C ARG A 230 -9.57 8.24 13.69
N LEU A 231 -10.27 7.27 14.28
CA LEU A 231 -10.18 7.10 15.73
C LEU A 231 -8.77 6.71 16.17
N VAL A 232 -8.12 5.83 15.40
CA VAL A 232 -6.75 5.42 15.71
C VAL A 232 -5.79 6.60 15.65
N ALA A 233 -5.99 7.50 14.68
CA ALA A 233 -5.15 8.68 14.53
C ALA A 233 -5.18 9.60 15.74
N GLU A 234 -6.05 9.34 16.72
CA GLU A 234 -6.10 10.11 17.95
C GLU A 234 -5.20 9.55 19.03
N PHE A 235 -4.55 8.43 18.79
CA PHE A 235 -3.64 7.81 19.75
C PHE A 235 -2.22 7.66 19.21
N THR A 236 -2.07 7.21 17.97
CA THR A 236 -0.77 7.07 17.33
C THR A 236 -0.84 7.70 15.94
N PRO A 237 0.28 8.20 15.43
CA PRO A 237 0.27 8.79 14.09
C PRO A 237 -0.06 7.74 13.04
N VAL A 238 -0.78 8.18 12.01
CA VAL A 238 -1.13 7.34 10.88
C VAL A 238 -0.56 7.96 9.61
N HIS A 239 -0.05 7.12 8.73
CA HIS A 239 0.49 7.59 7.47
C HIS A 239 -0.65 8.06 6.56
N PHE A 240 -0.29 8.85 5.55
CA PHE A 240 -1.30 9.30 4.60
C PHE A 240 -1.61 8.25 3.54
N PHE A 241 -0.97 7.09 3.62
CA PHE A 241 -1.27 5.97 2.74
C PHE A 241 -2.36 5.06 3.27
N ALA A 242 -2.94 5.37 4.43
CA ALA A 242 -3.98 4.52 4.99
C ALA A 242 -5.24 4.54 4.12
N GLN A 243 -5.69 5.73 3.73
CA GLN A 243 -6.97 5.85 3.02
C GLN A 243 -6.94 5.27 1.61
N PRO A 244 -5.82 5.28 0.87
CA PRO A 244 -5.84 4.58 -0.42
C PRO A 244 -5.84 3.07 -0.28
N VAL A 245 -5.06 2.55 0.67
CA VAL A 245 -4.98 1.12 0.88
C VAL A 245 -6.35 0.56 1.26
N VAL A 246 -7.12 1.34 2.04
CA VAL A 246 -8.49 0.94 2.33
C VAL A 246 -9.30 0.81 1.05
N THR A 247 -9.15 1.78 0.14
CA THR A 247 -9.85 1.70 -1.13
C THR A 247 -9.23 0.67 -2.06
N LEU A 248 -7.90 0.63 -2.12
CA LEU A 248 -7.23 -0.25 -3.08
C LEU A 248 -7.36 -1.71 -2.70
N ILE A 249 -7.15 -2.02 -1.43
CA ILE A 249 -7.17 -3.41 -0.95
C ILE A 249 -8.46 -3.74 -0.23
N GLY A 250 -8.88 -2.88 0.70
CA GLY A 250 -10.03 -3.20 1.52
C GLY A 250 -11.33 -3.29 0.73
N LEU A 251 -11.53 -2.38 -0.22
CA LEU A 251 -12.81 -2.32 -0.92
C LEU A 251 -13.04 -3.56 -1.77
N GLY A 252 -12.04 -3.98 -2.54
CA GLY A 252 -12.21 -5.14 -3.39
C GLY A 252 -12.45 -6.41 -2.59
N ILE A 253 -11.68 -6.59 -1.51
CA ILE A 253 -11.90 -7.71 -0.60
C ILE A 253 -13.30 -7.67 -0.01
N ALA A 254 -13.76 -6.49 0.40
CA ALA A 254 -15.09 -6.38 0.98
C ALA A 254 -16.17 -6.74 -0.02
N ILE A 255 -16.00 -6.30 -1.28
CA ILE A 255 -16.95 -6.66 -2.32
C ILE A 255 -16.94 -8.17 -2.55
N ASP A 256 -15.76 -8.78 -2.59
CA ASP A 256 -15.68 -10.22 -2.85
C ASP A 256 -16.32 -11.04 -1.74
N TYR A 257 -16.08 -10.66 -0.49
CA TYR A 257 -16.65 -11.39 0.64
C TYR A 257 -18.17 -11.40 0.61
N GLY A 258 -18.79 -10.27 0.26
CA GLY A 258 -20.23 -10.22 0.17
C GLY A 258 -20.76 -10.85 -1.09
N LEU A 259 -19.96 -10.80 -2.16
CA LEU A 259 -20.33 -11.47 -3.39
C LEU A 259 -20.49 -12.97 -3.17
N PHE A 260 -19.55 -13.57 -2.45
CA PHE A 260 -19.67 -14.98 -2.11
C PHE A 260 -20.90 -15.28 -1.26
N ILE A 261 -21.20 -14.44 -0.28
CA ILE A 261 -22.38 -14.63 0.57
C ILE A 261 -23.67 -14.58 -0.24
N VAL A 262 -23.82 -13.54 -1.06
CA VAL A 262 -25.05 -13.40 -1.86
C VAL A 262 -25.17 -14.55 -2.84
N SER A 263 -24.07 -14.94 -3.48
CA SER A 263 -24.12 -16.04 -4.44
C SER A 263 -24.50 -17.35 -3.78
N ARG A 264 -23.93 -17.64 -2.61
CA ARG A 264 -24.31 -18.87 -1.92
C ARG A 264 -25.76 -18.82 -1.45
N PHE A 265 -26.24 -17.66 -1.03
CA PHE A 265 -27.63 -17.55 -0.62
C PHE A 265 -28.57 -17.85 -1.78
N ARG A 266 -28.28 -17.28 -2.95
CA ARG A 266 -29.10 -17.56 -4.13
C ARG A 266 -28.95 -19.02 -4.57
N GLU A 267 -27.77 -19.61 -4.35
CA GLU A 267 -27.59 -21.02 -4.65
C GLU A 267 -28.49 -21.90 -3.78
N GLU A 268 -28.55 -21.61 -2.48
CA GLU A 268 -29.42 -22.37 -1.60
C GLU A 268 -30.90 -22.11 -1.88
N ILE A 269 -31.26 -20.90 -2.26
CA ILE A 269 -32.63 -20.64 -2.68
C ILE A 269 -32.98 -21.46 -3.92
N ALA A 270 -32.08 -21.52 -4.89
CA ALA A 270 -32.33 -22.28 -6.11
C ALA A 270 -32.49 -23.76 -5.83
N GLU A 271 -31.81 -24.27 -4.79
CA GLU A 271 -31.98 -25.67 -4.41
C GLU A 271 -33.42 -25.96 -4.00
N GLY A 272 -34.03 -25.06 -3.24
CA GLY A 272 -35.40 -25.24 -2.80
C GLY A 272 -35.58 -24.85 -1.35
N TYR A 273 -34.49 -24.45 -0.73
CA TYR A 273 -34.46 -24.09 0.68
C TYR A 273 -35.20 -22.79 0.92
N ASP A 274 -35.98 -22.74 1.99
CA ASP A 274 -36.65 -21.51 2.37
C ASP A 274 -35.62 -20.50 2.87
N THR A 275 -36.07 -19.28 3.15
CA THR A 275 -35.13 -18.19 3.41
C THR A 275 -34.29 -18.47 4.65
N GLU A 276 -34.91 -19.00 5.71
CA GLU A 276 -34.16 -19.29 6.93
C GLU A 276 -33.06 -20.31 6.69
N ALA A 277 -33.41 -21.44 6.08
CA ALA A 277 -32.43 -22.50 5.83
C ALA A 277 -31.39 -22.04 4.82
N ALA A 278 -31.78 -21.24 3.84
CA ALA A 278 -30.80 -20.69 2.90
C ALA A 278 -29.80 -19.80 3.62
N VAL A 279 -30.27 -18.96 4.54
CA VAL A 279 -29.36 -18.12 5.32
C VAL A 279 -28.43 -18.97 6.17
N ARG A 280 -28.96 -20.01 6.82
CA ARG A 280 -28.12 -20.81 7.71
C ARG A 280 -27.07 -21.59 6.94
N ARG A 281 -27.46 -22.22 5.83
CA ARG A 281 -26.49 -22.95 5.02
C ARG A 281 -25.53 -22.01 4.33
N THR A 282 -25.96 -20.79 4.01
CA THR A 282 -25.04 -19.77 3.52
C THR A 282 -23.99 -19.44 4.56
N VAL A 283 -24.42 -19.21 5.80
CA VAL A 283 -23.46 -18.93 6.86
C VAL A 283 -22.48 -20.09 7.02
N MET A 284 -23.00 -21.28 7.36
CA MET A 284 -22.17 -22.41 7.76
C MET A 284 -21.01 -22.66 6.79
N THR A 285 -21.17 -22.33 5.52
CA THR A 285 -20.14 -22.59 4.52
C THR A 285 -19.50 -21.30 4.01
N SER A 286 -20.28 -20.42 3.40
CA SER A 286 -19.71 -19.21 2.81
C SER A 286 -19.21 -18.26 3.88
N GLY A 287 -19.96 -18.07 4.97
CA GLY A 287 -19.51 -17.18 6.02
C GLY A 287 -18.30 -17.73 6.75
N ARG A 288 -18.26 -19.05 6.95
CA ARG A 288 -17.06 -19.67 7.50
C ARG A 288 -15.86 -19.42 6.60
N THR A 289 -16.03 -19.56 5.29
CA THR A 289 -14.95 -19.30 4.35
C THR A 289 -14.52 -17.83 4.40
N VAL A 290 -15.49 -16.92 4.48
CA VAL A 290 -15.19 -15.49 4.53
C VAL A 290 -14.43 -15.14 5.80
N VAL A 291 -14.88 -15.67 6.94
CA VAL A 291 -14.20 -15.41 8.20
C VAL A 291 -12.78 -15.95 8.17
N PHE A 292 -12.61 -17.17 7.65
CA PHE A 292 -11.25 -17.73 7.55
C PHE A 292 -10.38 -16.89 6.62
N SER A 293 -10.94 -16.41 5.51
CA SER A 293 -10.17 -15.57 4.60
C SER A 293 -9.75 -14.26 5.28
N ALA A 294 -10.67 -13.65 6.02
CA ALA A 294 -10.34 -12.42 6.73
C ALA A 294 -9.27 -12.64 7.79
N VAL A 295 -9.39 -13.73 8.55
CA VAL A 295 -8.39 -14.02 9.56
C VAL A 295 -7.05 -14.32 8.91
N ILE A 296 -7.04 -14.96 7.74
CA ILE A 296 -5.79 -15.16 7.02
C ILE A 296 -5.18 -13.84 6.59
N ILE A 297 -6.00 -12.91 6.08
CA ILE A 297 -5.48 -11.60 5.72
C ILE A 297 -4.87 -10.92 6.94
N VAL A 298 -5.57 -10.98 8.07
CA VAL A 298 -5.08 -10.35 9.29
C VAL A 298 -3.77 -11.00 9.75
N ALA A 299 -3.70 -12.32 9.69
CA ALA A 299 -2.50 -13.03 10.12
C ALA A 299 -1.34 -12.82 9.16
N SER A 300 -1.62 -12.51 7.90
CA SER A 300 -0.57 -12.19 6.95
C SER A 300 -0.20 -10.72 6.97
N SER A 301 -1.04 -9.88 7.58
CA SER A 301 -0.75 -8.46 7.71
C SER A 301 -0.05 -8.11 9.01
N VAL A 302 -0.34 -8.81 10.09
CA VAL A 302 0.25 -8.50 11.40
C VAL A 302 1.78 -8.64 11.43
N PRO A 303 2.43 -9.46 10.60
CA PRO A 303 3.90 -9.40 10.60
C PRO A 303 4.46 -8.03 10.27
N LEU A 304 3.73 -7.22 9.49
CA LEU A 304 4.19 -5.87 9.19
C LEU A 304 4.23 -4.96 10.41
N LEU A 305 3.51 -5.29 11.48
CA LEU A 305 3.63 -4.55 12.74
C LEU A 305 4.98 -4.75 13.40
N LEU A 306 5.77 -5.70 12.95
CA LEU A 306 7.06 -6.02 13.54
C LEU A 306 8.18 -5.17 12.98
N PHE A 307 7.90 -4.38 11.95
CA PHE A 307 8.91 -3.48 11.39
C PHE A 307 8.81 -2.11 12.00
N PRO A 308 9.93 -1.44 12.22
CA PRO A 308 9.91 -0.13 12.89
C PRO A 308 9.13 0.94 12.14
N GLN A 309 9.03 0.84 10.81
CA GLN A 309 8.42 1.90 10.02
C GLN A 309 6.96 2.09 10.42
N GLY A 310 6.64 3.31 10.88
CA GLY A 310 5.26 3.62 11.22
C GLY A 310 4.34 3.64 10.03
N PHE A 311 4.88 3.86 8.83
CA PHE A 311 4.12 3.67 7.60
C PHE A 311 3.51 2.27 7.55
N LEU A 312 4.33 1.25 7.79
CA LEU A 312 3.86 -0.13 7.76
C LEU A 312 2.83 -0.38 8.86
N LYS A 313 3.04 0.18 10.04
CA LYS A 313 2.07 0.01 11.12
C LYS A 313 0.72 0.61 10.76
N SER A 314 0.72 1.81 10.20
CA SER A 314 -0.54 2.44 9.81
C SER A 314 -1.24 1.64 8.72
N ILE A 315 -0.49 1.17 7.73
CA ILE A 315 -1.09 0.37 6.66
C ILE A 315 -1.66 -0.92 7.21
N THR A 316 -0.94 -1.56 8.13
CA THR A 316 -1.43 -2.80 8.73
C THR A 316 -2.71 -2.55 9.51
N TYR A 317 -2.78 -1.46 10.25
CA TYR A 317 -4.01 -1.12 10.96
C TYR A 317 -5.16 -0.93 9.98
N ALA A 318 -4.92 -0.22 8.88
CA ALA A 318 -5.98 0.01 7.89
C ALA A 318 -6.46 -1.31 7.30
N ILE A 319 -5.52 -2.19 6.93
CA ILE A 319 -5.89 -3.46 6.33
C ILE A 319 -6.68 -4.29 7.31
N ILE A 320 -6.20 -4.39 8.56
CA ILE A 320 -6.88 -5.21 9.56
C ILE A 320 -8.29 -4.69 9.78
N ALA A 321 -8.43 -3.37 9.96
CA ALA A 321 -9.75 -2.80 10.22
C ALA A 321 -10.69 -3.07 9.07
N SER A 322 -10.26 -2.78 7.83
CA SER A 322 -11.13 -2.94 6.68
C SER A 322 -11.53 -4.40 6.50
N VAL A 323 -10.58 -5.33 6.61
CA VAL A 323 -10.87 -6.72 6.32
C VAL A 323 -11.74 -7.34 7.41
N MET A 324 -11.43 -7.07 8.69
CA MET A 324 -12.28 -7.58 9.76
C MET A 324 -13.67 -6.99 9.70
N LEU A 325 -13.78 -5.70 9.35
CA LEU A 325 -15.10 -5.10 9.24
C LEU A 325 -15.87 -5.71 8.09
N ALA A 326 -15.21 -6.01 6.97
CA ALA A 326 -15.87 -6.67 5.86
C ALA A 326 -16.35 -8.06 6.27
N ALA A 327 -15.52 -8.81 7.00
CA ALA A 327 -15.93 -10.13 7.44
C ALA A 327 -17.13 -10.07 8.37
N ILE A 328 -17.12 -9.13 9.32
CA ILE A 328 -18.26 -8.98 10.22
C ILE A 328 -19.50 -8.54 9.45
N LEU A 329 -19.36 -7.61 8.53
CA LEU A 329 -20.48 -7.05 7.79
C LEU A 329 -21.16 -8.08 6.90
N SER A 330 -20.35 -8.86 6.15
CA SER A 330 -20.93 -9.78 5.17
C SER A 330 -21.79 -10.84 5.83
N ILE A 331 -21.48 -11.21 7.07
CA ILE A 331 -22.22 -12.29 7.72
C ILE A 331 -23.25 -11.78 8.72
N THR A 332 -23.19 -10.50 9.11
CA THR A 332 -24.25 -9.93 9.93
C THR A 332 -25.27 -9.17 9.09
N VAL A 333 -24.84 -8.08 8.45
CA VAL A 333 -25.78 -7.19 7.79
C VAL A 333 -26.23 -7.75 6.46
N LEU A 334 -25.28 -8.25 5.66
CA LEU A 334 -25.66 -8.86 4.39
C LEU A 334 -26.52 -10.09 4.62
N ALA A 335 -26.18 -10.90 5.62
CA ALA A 335 -26.99 -12.08 5.93
C ALA A 335 -28.38 -11.74 6.43
N ALA A 336 -28.54 -10.70 7.24
CA ALA A 336 -29.86 -10.29 7.69
C ALA A 336 -30.66 -9.58 6.61
N ALA A 337 -30.00 -8.87 5.69
CA ALA A 337 -30.72 -8.28 4.57
C ALA A 337 -31.19 -9.36 3.60
N LEU A 338 -30.36 -10.37 3.35
CA LEU A 338 -30.78 -11.50 2.54
C LEU A 338 -31.90 -12.27 3.23
N ALA A 339 -31.84 -12.36 4.56
CA ALA A 339 -32.92 -13.01 5.29
C ALA A 339 -34.22 -12.23 5.17
N ILE A 340 -34.16 -10.90 5.25
CA ILE A 340 -35.36 -10.09 5.13
C ILE A 340 -35.94 -10.22 3.73
N LEU A 341 -35.09 -10.11 2.72
CA LEU A 341 -35.57 -10.14 1.34
C LEU A 341 -35.92 -11.56 0.91
N GLY A 342 -34.95 -12.46 0.92
CA GLY A 342 -35.18 -13.82 0.49
C GLY A 342 -35.33 -13.91 -1.02
N PRO A 343 -36.52 -14.31 -1.47
CA PRO A 343 -36.76 -14.40 -2.93
C PRO A 343 -36.63 -13.07 -3.64
N ARG A 344 -36.76 -11.95 -2.94
CA ARG A 344 -36.71 -10.64 -3.58
C ARG A 344 -35.30 -10.23 -4.00
N VAL A 345 -34.27 -11.00 -3.63
CA VAL A 345 -32.93 -10.67 -4.09
C VAL A 345 -32.79 -10.93 -5.59
N ASP A 346 -33.71 -11.70 -6.17
CA ASP A 346 -33.75 -11.95 -7.60
C ASP A 346 -34.97 -11.32 -8.27
N ALA A 347 -35.48 -10.23 -7.69
CA ALA A 347 -36.75 -9.66 -8.16
C ALA A 347 -36.58 -8.72 -9.34
N LEU A 348 -35.76 -7.67 -9.18
CA LEU A 348 -35.64 -6.61 -10.18
C LEU A 348 -34.38 -6.88 -11.00
N GLY A 349 -34.55 -7.60 -12.10
CA GLY A 349 -33.40 -8.00 -12.90
C GLY A 349 -33.50 -7.63 -14.36
N VAL A 350 -32.90 -8.48 -15.21
CA VAL A 350 -32.84 -8.20 -16.64
C VAL A 350 -34.23 -8.24 -17.26
N THR A 351 -35.20 -8.86 -16.59
CA THR A 351 -36.56 -8.94 -17.10
C THR A 351 -37.28 -7.59 -17.06
N THR A 352 -36.70 -6.58 -16.42
CA THR A 352 -37.35 -5.27 -16.38
C THR A 352 -37.26 -4.56 -17.72
N LEU A 353 -36.09 -4.63 -18.38
CA LEU A 353 -35.97 -4.00 -19.70
C LEU A 353 -36.97 -4.58 -20.67
N LEU A 354 -37.29 -5.87 -20.54
CA LEU A 354 -38.20 -6.51 -21.49
C LEU A 354 -39.58 -5.87 -21.46
N LYS A 355 -40.12 -5.60 -20.26
CA LYS A 355 -41.47 -5.09 -20.14
C LYS A 355 -41.63 -3.75 -20.85
N ILE A 356 -40.66 -2.87 -20.69
CA ILE A 356 -40.64 -1.61 -21.45
C ILE A 356 -40.18 -1.91 -22.88
N PRO A 357 -40.99 -1.60 -23.88
CA PRO A 357 -40.65 -1.98 -25.27
C PRO A 357 -39.88 -0.90 -26.03
N PHE A 358 -38.76 -0.47 -25.45
CA PHE A 358 -37.98 0.62 -26.04
C PHE A 358 -36.59 0.19 -26.48
N PHE A 364 -37.15 -5.29 -32.55
CA PHE A 364 -37.13 -6.44 -31.66
C PHE A 364 -35.71 -6.88 -31.34
N SER A 365 -34.73 -6.09 -31.79
CA SER A 365 -33.35 -6.37 -31.45
C SER A 365 -33.15 -6.35 -29.94
N ARG A 366 -33.28 -5.16 -29.33
CA ARG A 366 -33.22 -5.00 -27.87
C ARG A 366 -34.32 -5.81 -27.15
N ARG A 367 -35.49 -5.93 -27.75
CA ARG A 367 -36.48 -6.87 -27.21
C ARG A 367 -35.90 -8.27 -26.97
N ILE A 368 -35.23 -8.84 -27.99
CA ILE A 368 -34.62 -10.16 -27.84
C ILE A 368 -33.36 -10.10 -26.98
N ILE A 369 -32.62 -9.00 -27.06
CA ILE A 369 -31.40 -8.79 -26.26
C ILE A 369 -31.70 -8.89 -24.78
N ASP A 370 -32.83 -8.31 -24.34
CA ASP A 370 -33.23 -8.40 -22.94
C ASP A 370 -33.34 -9.84 -22.49
N TRP A 371 -34.07 -10.64 -23.27
CA TRP A 371 -34.25 -12.05 -22.94
C TRP A 371 -32.92 -12.80 -22.96
N PHE A 372 -32.05 -12.47 -23.90
CA PHE A 372 -30.76 -13.16 -23.98
C PHE A 372 -29.91 -12.86 -22.75
N ALA A 373 -29.81 -11.59 -22.38
CA ALA A 373 -29.03 -11.22 -21.20
C ALA A 373 -29.67 -11.72 -19.91
N GLU A 374 -30.98 -11.97 -19.91
CA GLU A 374 -31.59 -12.59 -18.73
C GLU A 374 -31.27 -14.08 -18.67
N LYS A 375 -31.32 -14.77 -19.81
CA LYS A 375 -31.00 -16.19 -19.84
C LYS A 375 -29.54 -16.43 -19.49
N THR A 376 -28.65 -15.50 -19.84
CA THR A 376 -27.24 -15.67 -19.51
C THR A 376 -27.03 -15.69 -18.00
N GLN A 377 -27.53 -14.68 -17.30
CA GLN A 377 -27.40 -14.60 -15.84
C GLN A 377 -28.70 -15.03 -15.17
N LYS A 378 -28.99 -16.32 -15.30
CA LYS A 378 -30.19 -16.90 -14.71
C LYS A 378 -29.83 -17.66 -13.43
N THR A 379 -30.82 -18.35 -12.87
CA THR A 379 -30.59 -19.24 -11.74
C THR A 379 -30.18 -20.60 -12.28
N LYS A 380 -28.88 -20.83 -12.38
CA LYS A 380 -28.36 -22.07 -12.95
C LYS A 380 -28.56 -23.22 -11.98
N THR A 381 -28.34 -24.44 -12.48
CA THR A 381 -28.46 -25.65 -11.69
C THR A 381 -27.09 -26.29 -11.51
N ARG A 382 -27.00 -27.19 -10.54
CA ARG A 382 -25.71 -27.75 -10.18
C ARG A 382 -25.23 -28.77 -11.21
N GLU A 383 -26.14 -29.55 -11.79
CA GLU A 383 -25.72 -30.58 -12.73
C GLU A 383 -25.21 -29.98 -14.03
N GLU A 384 -25.71 -28.81 -14.43
CA GLU A 384 -25.29 -28.22 -15.69
C GLU A 384 -23.94 -27.51 -15.59
N VAL A 385 -23.61 -26.94 -14.42
CA VAL A 385 -22.32 -26.27 -14.29
C VAL A 385 -21.18 -27.27 -14.22
N GLU A 386 -21.46 -28.53 -13.91
CA GLU A 386 -20.42 -29.55 -13.99
C GLU A 386 -20.03 -29.87 -15.42
N ARG A 387 -20.93 -29.62 -16.37
CA ARG A 387 -20.66 -29.88 -17.79
C ARG A 387 -20.61 -28.58 -18.59
N GLY A 388 -20.39 -27.45 -17.91
CA GLY A 388 -20.09 -26.20 -18.57
C GLY A 388 -18.60 -26.07 -18.84
N PHE A 389 -18.21 -24.85 -19.21
CA PHE A 389 -16.79 -24.59 -19.44
C PHE A 389 -15.98 -24.89 -18.18
N TRP A 390 -16.40 -24.32 -17.05
CA TRP A 390 -15.84 -24.68 -15.75
C TRP A 390 -16.28 -26.10 -15.44
N GLY A 391 -15.38 -27.05 -15.67
CA GLY A 391 -15.68 -28.45 -15.48
C GLY A 391 -15.25 -29.25 -16.69
N ARG A 392 -15.53 -28.78 -17.90
CA ARG A 392 -14.87 -29.37 -19.06
C ARG A 392 -13.38 -29.04 -19.04
N LEU A 393 -13.05 -27.78 -18.81
CA LEU A 393 -11.65 -27.39 -18.68
C LEU A 393 -11.00 -28.10 -17.50
N VAL A 394 -11.73 -28.25 -16.40
CA VAL A 394 -11.18 -28.90 -15.22
C VAL A 394 -10.88 -30.37 -15.51
N ASN A 395 -11.81 -31.07 -16.18
CA ASN A 395 -11.60 -32.47 -16.49
C ASN A 395 -10.45 -32.66 -17.46
N VAL A 396 -10.36 -31.82 -18.50
CA VAL A 396 -9.31 -32.02 -19.49
C VAL A 396 -7.93 -31.76 -18.88
N VAL A 397 -7.84 -30.84 -17.92
CA VAL A 397 -6.57 -30.62 -17.22
C VAL A 397 -6.24 -31.79 -16.32
N MET A 398 -7.24 -32.33 -15.60
CA MET A 398 -6.99 -33.46 -14.71
C MET A 398 -6.62 -34.72 -15.46
N LYS A 399 -6.96 -34.81 -16.75
CA LYS A 399 -6.60 -35.99 -17.53
C LYS A 399 -5.10 -36.07 -17.77
N ARG A 400 -4.45 -34.92 -17.99
CA ARG A 400 -3.05 -34.86 -18.37
C ARG A 400 -2.34 -33.86 -17.46
N PRO A 401 -2.24 -34.18 -16.16
CA PRO A 401 -1.90 -33.15 -15.17
C PRO A 401 -0.41 -32.86 -15.05
N ILE A 402 0.46 -33.68 -15.61
CA ILE A 402 1.87 -33.31 -15.73
C ILE A 402 2.08 -32.23 -16.79
N ALA A 403 1.35 -32.29 -17.90
CA ALA A 403 1.50 -31.37 -19.01
C ALA A 403 0.93 -29.99 -18.71
N PHE A 404 0.29 -29.80 -17.57
CA PHE A 404 -0.20 -28.49 -17.16
C PHE A 404 0.55 -27.93 -15.97
N ALA A 405 1.49 -28.69 -15.40
CA ALA A 405 2.19 -28.28 -14.20
C ALA A 405 3.62 -27.86 -14.48
N ALA A 406 4.41 -28.73 -15.10
CA ALA A 406 5.78 -28.34 -15.47
C ALA A 406 5.80 -27.15 -16.43
N PRO A 407 4.97 -27.09 -17.49
CA PRO A 407 4.97 -25.90 -18.34
C PRO A 407 4.51 -24.64 -17.63
N ILE A 408 4.08 -24.77 -16.38
CA ILE A 408 3.68 -23.62 -15.58
C ILE A 408 4.74 -23.37 -14.52
N LEU A 409 5.19 -24.45 -13.87
CA LEU A 409 6.20 -24.32 -12.82
C LEU A 409 7.48 -23.72 -13.37
N VAL A 410 7.94 -24.20 -14.53
CA VAL A 410 9.23 -23.73 -15.05
C VAL A 410 9.15 -22.27 -15.43
N VAL A 411 8.04 -21.83 -16.01
CA VAL A 411 7.93 -20.44 -16.45
C VAL A 411 7.73 -19.54 -15.23
N MET A 412 7.10 -20.06 -14.18
CA MET A 412 6.94 -19.27 -12.96
C MET A 412 8.23 -19.18 -12.14
N VAL A 413 9.17 -20.09 -12.34
CA VAL A 413 10.51 -19.89 -11.80
C VAL A 413 11.32 -18.94 -12.67
N LEU A 414 11.15 -19.04 -13.99
CA LEU A 414 11.78 -18.08 -14.88
C LEU A 414 11.29 -16.66 -14.62
N LEU A 415 10.06 -16.51 -14.15
CA LEU A 415 9.56 -15.21 -13.71
C LEU A 415 10.19 -14.74 -12.41
N ILE A 416 10.59 -15.67 -11.54
CA ILE A 416 11.32 -15.29 -10.34
C ILE A 416 12.74 -14.86 -10.69
N ILE A 417 13.27 -15.35 -11.81
CA ILE A 417 14.66 -15.05 -12.17
C ILE A 417 14.99 -13.56 -12.15
N PRO A 418 14.16 -12.66 -12.72
CA PRO A 418 14.53 -11.23 -12.69
C PRO A 418 14.50 -10.60 -11.31
N LEU A 419 14.18 -11.34 -10.25
CA LEU A 419 14.20 -10.78 -8.90
C LEU A 419 15.61 -10.57 -8.37
N GLY A 420 16.62 -11.12 -9.04
CA GLY A 420 17.98 -10.96 -8.57
C GLY A 420 18.58 -9.59 -8.79
N GLN A 421 17.92 -8.75 -9.58
CA GLN A 421 18.37 -7.39 -9.83
C GLN A 421 17.56 -6.36 -9.06
N LEU A 422 16.80 -6.79 -8.07
CA LEU A 422 16.03 -5.85 -7.26
C LEU A 422 16.97 -5.04 -6.38
N SER A 423 16.76 -3.72 -6.36
CA SER A 423 17.55 -2.82 -5.55
C SER A 423 16.61 -1.98 -4.70
N LEU A 424 17.09 -1.61 -3.51
CA LEU A 424 16.27 -0.88 -2.56
C LEU A 424 16.69 0.58 -2.56
N GLY A 425 15.73 1.46 -2.32
CA GLY A 425 16.02 2.89 -2.37
C GLY A 425 15.03 3.69 -1.57
N GLY A 426 15.20 5.02 -1.62
CA GLY A 426 14.37 5.94 -0.90
C GLY A 426 13.48 6.77 -1.81
N ILE A 427 12.71 7.64 -1.18
CA ILE A 427 11.74 8.47 -1.89
C ILE A 427 12.43 9.73 -2.40
N SER A 428 11.98 10.21 -3.55
CA SER A 428 12.53 11.43 -4.15
C SER A 428 11.53 11.93 -5.19
N GLU A 429 11.92 13.00 -5.90
CA GLU A 429 11.08 13.53 -6.96
C GLU A 429 10.97 12.57 -8.13
N LYS A 430 11.88 11.61 -8.25
CA LYS A 430 11.78 10.58 -9.27
C LYS A 430 10.61 9.63 -9.03
N TYR A 431 9.90 9.78 -7.92
CA TYR A 431 8.68 9.03 -7.66
C TYR A 431 7.47 9.62 -8.36
N LEU A 432 7.62 10.77 -9.01
CA LEU A 432 6.58 11.40 -9.79
C LEU A 432 6.86 11.23 -11.27
N PRO A 433 5.83 11.32 -12.12
CA PRO A 433 6.05 11.10 -13.54
C PRO A 433 7.02 12.12 -14.10
N PRO A 434 7.82 11.73 -15.10
CA PRO A 434 8.89 12.63 -15.57
C PRO A 434 8.40 13.94 -16.16
N ASP A 435 7.12 14.04 -16.49
CA ASP A 435 6.55 15.27 -17.05
C ASP A 435 5.83 16.11 -16.01
N ASN A 436 5.99 15.80 -14.73
CA ASN A 436 5.36 16.58 -13.67
C ASN A 436 6.04 17.93 -13.52
N ALA A 437 5.24 18.96 -13.20
CA ALA A 437 5.78 20.31 -13.06
C ALA A 437 6.73 20.42 -11.88
N VAL A 438 6.39 19.79 -10.74
CA VAL A 438 7.22 19.92 -9.56
C VAL A 438 8.53 19.15 -9.72
N ARG A 439 8.49 17.96 -10.32
CA ARG A 439 9.72 17.27 -10.65
C ARG A 439 10.59 18.09 -11.58
N GLN A 440 9.98 18.71 -12.59
CA GLN A 440 10.74 19.51 -13.54
C GLN A 440 11.37 20.72 -12.86
N SER A 441 10.64 21.35 -11.94
CA SER A 441 11.20 22.47 -11.19
C SER A 441 12.37 22.03 -10.31
N GLN A 442 12.25 20.86 -9.68
CA GLN A 442 13.35 20.36 -8.86
C GLN A 442 14.57 20.05 -9.71
N GLU A 443 14.36 19.46 -10.88
CA GLU A 443 15.49 19.14 -11.76
C GLU A 443 16.10 20.41 -12.33
N GLN A 444 15.27 21.43 -12.61
CA GLN A 444 15.78 22.73 -13.03
C GLN A 444 16.64 23.36 -11.94
N PHE A 445 16.21 23.24 -10.69
CA PHE A 445 17.04 23.74 -9.59
C PHE A 445 18.34 22.98 -9.49
N ASP A 446 18.30 21.65 -9.61
CA ASP A 446 19.52 20.85 -9.51
C ASP A 446 20.47 21.13 -10.67
N LYS A 447 19.93 21.53 -11.82
CA LYS A 447 20.78 21.84 -12.97
C LYS A 447 21.36 23.25 -12.87
N LEU A 448 20.54 24.24 -12.50
CA LEU A 448 21.01 25.61 -12.47
C LEU A 448 21.94 25.86 -11.28
N PHE A 449 21.61 25.29 -10.13
CA PHE A 449 22.32 25.57 -8.88
C PHE A 449 22.79 24.25 -8.27
N PRO A 450 23.83 23.63 -8.83
CA PRO A 450 24.35 22.40 -8.27
C PRO A 450 25.12 22.66 -6.97
N GLY A 451 25.28 21.59 -6.20
CA GLY A 451 26.01 21.68 -4.96
C GLY A 451 25.23 22.28 -3.80
N PHE A 452 23.98 22.63 -4.02
CA PHE A 452 23.13 23.11 -2.93
C PHE A 452 22.22 22.03 -2.37
N ARG A 453 21.93 20.99 -3.15
CA ARG A 453 21.19 19.83 -2.68
C ARG A 453 22.19 18.84 -2.12
N THR A 454 22.41 18.90 -0.81
CA THR A 454 23.44 18.11 -0.15
C THR A 454 22.80 17.23 0.91
N GLU A 455 23.30 15.99 0.92
CA GLU A 455 22.85 14.97 1.86
C GLU A 455 24.13 14.46 2.54
N PRO A 456 24.62 15.15 3.56
CA PRO A 456 25.88 14.71 4.15
C PRO A 456 25.67 13.70 5.28
N LEU A 457 26.64 12.81 5.42
CA LEU A 457 26.72 11.97 6.60
C LEU A 457 27.17 12.83 7.77
N THR A 458 26.50 12.66 8.91
CA THR A 458 26.69 13.52 10.07
C THR A 458 27.19 12.69 11.24
N LEU A 459 28.25 13.17 11.88
CA LEU A 459 28.77 12.61 13.12
C LEU A 459 28.26 13.50 14.25
N VAL A 460 27.40 12.95 15.10
CA VAL A 460 26.81 13.67 16.22
C VAL A 460 27.43 13.14 17.50
N MET A 461 28.03 14.04 18.28
CA MET A 461 28.82 13.67 19.45
C MET A 461 28.16 14.22 20.70
N LYS A 462 27.91 13.34 21.67
CA LYS A 462 27.56 13.73 23.02
C LYS A 462 28.76 13.54 23.93
N ARG A 463 28.86 14.38 24.95
CA ARG A 463 29.82 14.17 26.01
C ARG A 463 29.09 13.65 27.24
N GLU A 464 29.66 12.63 27.87
CA GLU A 464 28.92 11.83 28.86
C GLU A 464 28.58 12.60 30.13
N ASP A 465 29.16 13.77 30.35
CA ASP A 465 28.98 14.50 31.60
C ASP A 465 28.40 15.90 31.42
N GLY A 466 27.80 16.19 30.27
CA GLY A 466 27.25 17.51 30.06
C GLY A 466 28.28 18.63 30.07
N GLU A 467 29.55 18.30 30.25
CA GLU A 467 30.59 19.29 30.08
C GLU A 467 30.67 19.65 28.60
N PRO A 468 31.12 20.87 28.28
CA PRO A 468 31.35 21.19 26.88
C PRO A 468 32.35 20.24 26.26
N ILE A 469 32.09 19.88 24.99
CA ILE A 469 33.10 19.19 24.19
C ILE A 469 34.21 20.16 23.85
N THR A 470 35.44 19.76 24.12
CA THR A 470 36.58 20.64 23.87
C THR A 470 37.02 20.54 22.41
N ASP A 471 38.07 21.30 22.08
CA ASP A 471 38.57 21.28 20.71
C ASP A 471 39.41 20.04 20.44
N ALA A 472 40.09 19.51 21.45
CA ALA A 472 40.85 18.29 21.24
C ALA A 472 39.95 17.13 20.85
N GLN A 473 38.77 17.02 21.47
CA GLN A 473 37.84 15.93 21.17
C GLN A 473 37.40 15.99 19.71
N ILE A 474 36.98 17.17 19.25
CA ILE A 474 36.57 17.29 17.85
C ILE A 474 37.75 17.14 16.91
N ALA A 475 38.95 17.55 17.33
CA ALA A 475 40.13 17.35 16.49
C ALA A 475 40.40 15.86 16.29
N ASP A 476 40.34 15.08 17.36
CA ASP A 476 40.52 13.63 17.24
C ASP A 476 39.41 13.00 16.41
N MET A 477 38.16 13.44 16.61
CA MET A 477 37.07 12.87 15.84
C MET A 477 37.24 13.16 14.35
N ARG A 478 37.63 14.39 14.00
CA ARG A 478 37.89 14.72 12.61
C ARG A 478 39.07 13.94 12.07
N ALA A 479 40.13 13.79 12.86
CA ALA A 479 41.29 13.05 12.42
C ALA A 479 40.94 11.60 12.13
N LYS A 480 40.09 11.01 12.95
CA LYS A 480 39.65 9.64 12.70
C LYS A 480 38.72 9.57 11.49
N ALA A 481 37.82 10.53 11.35
CA ALA A 481 36.91 10.54 10.20
C ALA A 481 37.63 10.75 8.88
N LEU A 482 38.81 11.37 8.90
CA LEU A 482 39.65 11.43 7.72
C LEU A 482 40.24 10.07 7.37
N THR A 483 40.33 9.16 8.34
CA THR A 483 40.79 7.79 8.12
C THR A 483 39.67 6.89 7.59
N VAL A 484 38.62 7.50 7.02
CA VAL A 484 37.61 6.77 6.26
C VAL A 484 37.63 7.34 4.85
N SER A 485 38.17 6.58 3.91
CA SER A 485 38.21 7.01 2.53
C SER A 485 36.79 7.04 1.95
N GLY A 486 36.55 8.02 1.09
CA GLY A 486 35.29 8.12 0.40
C GLY A 486 34.38 9.26 0.82
N PHE A 487 34.92 10.43 1.15
CA PHE A 487 34.11 11.57 1.53
C PHE A 487 34.55 12.80 0.76
N THR A 488 33.59 13.67 0.49
CA THR A 488 33.80 14.82 -0.40
C THR A 488 34.89 15.74 0.15
N ASP A 489 35.77 16.17 -0.74
CA ASP A 489 36.85 17.12 -0.41
C ASP A 489 36.76 18.25 -1.41
N PRO A 490 35.84 19.21 -1.20
CA PRO A 490 35.61 20.25 -2.20
C PRO A 490 36.82 21.11 -2.51
N ASP A 491 37.63 21.42 -1.51
CA ASP A 491 38.70 22.40 -1.65
C ASP A 491 40.09 21.78 -1.53
N ASN A 492 40.20 20.47 -1.69
CA ASN A 492 41.46 19.75 -1.63
C ASN A 492 42.20 19.96 -0.31
N ASP A 493 41.49 20.41 0.73
CA ASP A 493 42.10 20.70 2.02
C ASP A 493 41.54 19.76 3.07
N PRO A 494 42.35 18.89 3.68
CA PRO A 494 41.83 18.02 4.74
C PRO A 494 41.27 18.78 5.94
N GLU A 495 41.76 19.98 6.22
CA GLU A 495 41.26 20.74 7.36
C GLU A 495 39.89 21.34 7.10
N LYS A 496 39.44 21.43 5.85
CA LYS A 496 38.14 21.96 5.52
C LYS A 496 37.07 20.89 5.40
N MET A 497 37.42 19.62 5.61
CA MET A 497 36.45 18.56 5.60
C MET A 497 35.85 18.36 7.00
N TRP A 498 34.67 17.76 7.03
CA TRP A 498 33.93 17.50 8.28
C TRP A 498 33.74 18.79 9.07
N LYS A 499 33.04 19.72 8.43
CA LYS A 499 32.76 21.00 9.07
C LYS A 499 31.53 20.89 9.98
N GLU A 500 31.50 21.75 10.98
CA GLU A 500 30.42 21.73 11.96
C GLU A 500 29.11 22.14 11.31
N ARG A 501 28.03 21.52 11.79
CA ARG A 501 26.70 21.81 11.27
C ARG A 501 26.32 23.25 11.59
N PRO A 502 25.65 23.95 10.69
CA PRO A 502 25.18 25.30 11.01
C PRO A 502 24.20 25.29 12.15
N ALA A 503 24.28 26.31 12.99
CA ALA A 503 23.43 26.44 14.17
C ALA A 503 22.39 27.52 13.92
N ASN A 504 21.12 27.17 14.11
CA ASN A 504 20.03 28.13 13.94
C ASN A 504 19.75 28.81 15.27
N ASP A 505 18.67 29.57 15.34
CA ASP A 505 18.21 30.18 16.58
C ASP A 505 17.19 29.30 17.29
N SER A 506 16.92 28.12 16.76
CA SER A 506 15.95 27.19 17.34
C SER A 506 16.65 25.98 17.93
N GLY A 507 17.90 26.14 18.37
CA GLY A 507 18.66 25.06 18.92
C GLY A 507 19.13 25.36 20.33
N SER A 508 19.33 24.29 21.10
CA SER A 508 19.85 24.44 22.45
C SER A 508 21.25 25.03 22.45
N LYS A 509 22.04 24.75 21.40
CA LYS A 509 23.41 25.22 21.30
C LYS A 509 24.26 24.76 22.48
N ASP A 510 23.85 23.66 23.14
CA ASP A 510 24.53 23.25 24.35
C ASP A 510 25.89 22.65 24.00
N PRO A 511 26.94 23.02 24.71
CA PRO A 511 28.30 22.70 24.26
C PRO A 511 28.69 21.24 24.41
N SER A 512 27.80 20.39 24.91
CA SER A 512 28.09 18.98 25.08
C SER A 512 27.73 18.13 23.87
N VAL A 513 27.07 18.71 22.88
CA VAL A 513 26.73 18.02 21.65
C VAL A 513 27.33 18.79 20.49
N ARG A 514 28.10 18.10 19.65
CA ARG A 514 28.73 18.70 18.48
C ARG A 514 28.44 17.85 17.26
N VAL A 515 27.96 18.48 16.20
CA VAL A 515 27.61 17.78 14.97
C VAL A 515 28.54 18.26 13.86
N ILE A 516 29.24 17.33 13.24
CA ILE A 516 30.02 17.64 12.05
C ILE A 516 29.41 16.89 10.88
N GLN A 517 29.55 17.47 9.70
CA GLN A 517 28.89 16.96 8.51
C GLN A 517 29.92 16.82 7.41
N ASN A 518 29.67 15.87 6.50
CA ASN A 518 30.46 15.82 5.27
C ASN A 518 29.72 14.97 4.27
N GLY A 519 29.66 15.44 3.03
CA GLY A 519 29.11 14.63 1.97
C GLY A 519 30.04 13.50 1.58
N LEU A 520 29.46 12.47 0.99
CA LEU A 520 30.23 11.35 0.48
C LEU A 520 30.18 11.36 -1.05
N GLU A 521 31.32 11.07 -1.68
CA GLU A 521 31.44 11.25 -3.12
C GLU A 521 30.49 10.34 -3.88
N ASN A 522 30.38 9.08 -3.45
CA ASN A 522 29.55 8.10 -4.14
C ASN A 522 28.43 7.66 -3.21
N ARG A 523 27.18 7.74 -3.70
CA ARG A 523 26.05 7.31 -2.90
C ARG A 523 26.08 5.82 -2.61
N ASN A 524 26.49 5.00 -3.58
CA ASN A 524 26.40 3.55 -3.43
C ASN A 524 27.32 3.00 -2.35
N ASP A 525 28.29 3.78 -1.87
CA ASP A 525 29.15 3.35 -0.77
C ASP A 525 28.60 3.77 0.58
N ALA A 526 27.42 4.40 0.62
CA ALA A 526 26.84 4.94 1.85
C ALA A 526 26.95 3.97 3.01
N ALA A 527 26.32 2.80 2.88
CA ALA A 527 26.36 1.80 3.94
C ALA A 527 27.79 1.49 4.35
N LYS A 528 28.66 1.24 3.37
CA LYS A 528 30.06 0.93 3.68
C LYS A 528 30.72 2.05 4.46
N LYS A 529 30.41 3.31 4.12
CA LYS A 529 30.92 4.41 4.91
C LYS A 529 30.25 4.47 6.27
N ILE A 530 28.92 4.28 6.31
CA ILE A 530 28.20 4.28 7.57
C ILE A 530 28.64 3.15 8.49
N ASP A 531 28.85 1.95 7.95
CA ASP A 531 29.40 0.85 8.72
C ASP A 531 30.85 1.06 9.08
N GLU A 532 31.50 2.07 8.52
CA GLU A 532 32.88 2.38 8.86
C GLU A 532 33.04 3.64 9.68
N LEU A 533 32.06 4.55 9.64
CA LEU A 533 32.06 5.66 10.57
C LEU A 533 31.69 5.19 11.97
N ARG A 534 30.82 4.19 12.09
CA ARG A 534 30.46 3.62 13.39
C ARG A 534 31.49 2.60 13.87
N ALA A 535 32.53 2.36 13.08
CA ALA A 535 33.65 1.54 13.52
C ALA A 535 34.78 2.37 14.10
N LEU A 536 34.84 3.67 13.82
CA LEU A 536 35.86 4.52 14.39
C LEU A 536 35.75 4.55 15.91
N GLN A 537 36.89 4.48 16.59
CA GLN A 537 36.89 4.62 18.02
C GLN A 537 36.43 6.03 18.40
N PRO A 538 35.35 6.15 19.16
CA PRO A 538 34.99 7.46 19.70
C PRO A 538 36.07 7.92 20.67
N PRO A 539 36.36 9.22 20.73
CA PRO A 539 37.31 9.69 21.74
C PRO A 539 36.77 9.46 23.13
N HIS A 540 37.66 9.57 24.11
CA HIS A 540 37.28 9.22 25.48
C HIS A 540 36.05 9.98 25.92
N GLY A 541 35.12 9.26 26.55
CA GLY A 541 33.89 9.87 27.01
C GLY A 541 32.86 10.07 25.92
N ILE A 542 33.31 10.42 24.72
CA ILE A 542 32.41 10.85 23.67
C ILE A 542 31.56 9.70 23.16
N GLU A 543 30.28 9.97 22.95
CA GLU A 543 29.35 9.05 22.29
C GLU A 543 29.09 9.56 20.88
N VAL A 544 29.26 8.69 19.89
CA VAL A 544 29.20 9.07 18.48
C VAL A 544 28.03 8.37 17.81
N PHE A 545 27.21 9.14 17.11
CA PHE A 545 26.11 8.64 16.29
C PHE A 545 26.37 9.05 14.85
N VAL A 546 25.98 8.19 13.92
CA VAL A 546 26.17 8.45 12.50
C VAL A 546 24.80 8.57 11.87
N GLY A 547 24.41 9.79 11.55
CA GLY A 547 23.12 10.05 10.94
C GLY A 547 23.23 10.73 9.59
N GLY A 548 22.11 11.25 9.10
CA GLY A 548 22.07 11.87 7.78
C GLY A 548 21.06 11.12 6.93
N THR A 549 20.62 11.77 5.85
CA THR A 549 19.64 11.15 4.96
C THR A 549 20.11 9.81 4.41
N PRO A 550 21.33 9.66 3.88
CA PRO A 550 21.77 8.31 3.51
C PRO A 550 21.77 7.35 4.69
N ALA A 551 22.13 7.83 5.87
CA ALA A 551 22.11 6.96 7.05
C ALA A 551 20.70 6.53 7.39
N LEU A 552 19.75 7.46 7.35
CA LEU A 552 18.37 7.11 7.64
C LEU A 552 17.85 6.09 6.63
N GLU A 553 18.12 6.31 5.35
CA GLU A 553 17.65 5.37 4.33
C GLU A 553 18.28 3.99 4.51
N GLN A 554 19.59 3.95 4.71
CA GLN A 554 20.27 2.66 4.81
C GLN A 554 19.89 1.93 6.09
N ASP A 555 19.67 2.65 7.19
CA ASP A 555 19.17 2.02 8.40
C ASP A 555 17.76 1.50 8.20
N SER A 556 16.93 2.21 7.45
CA SER A 556 15.60 1.70 7.13
C SER A 556 15.67 0.40 6.33
N ILE A 557 16.58 0.32 5.35
CA ILE A 557 16.73 -0.93 4.59
C ILE A 557 17.29 -2.03 5.47
N HIS A 558 18.26 -1.72 6.33
CA HIS A 558 18.86 -2.74 7.17
C HIS A 558 17.86 -3.30 8.17
N SER A 559 16.98 -2.44 8.70
CA SER A 559 15.97 -2.89 9.64
C SER A 559 14.98 -3.84 8.99
N LEU A 560 14.64 -3.62 7.72
CA LEU A 560 13.74 -4.53 7.01
C LEU A 560 14.43 -5.80 6.56
N PHE A 561 15.71 -5.74 6.20
CA PHE A 561 16.43 -6.96 5.87
C PHE A 561 16.63 -7.83 7.10
N ASP A 562 16.89 -7.23 8.26
CA ASP A 562 17.16 -8.00 9.45
C ASP A 562 15.91 -8.73 9.96
N LYS A 563 14.74 -8.16 9.77
CA LYS A 563 13.50 -8.70 10.31
C LYS A 563 12.62 -9.33 9.23
N LEU A 564 13.15 -9.56 8.03
CA LEU A 564 12.38 -10.16 6.95
C LEU A 564 12.28 -11.69 7.07
N PRO A 565 13.36 -12.42 7.40
CA PRO A 565 13.21 -13.86 7.58
C PRO A 565 12.17 -14.23 8.63
N LEU A 566 12.11 -13.48 9.73
CA LEU A 566 11.12 -13.76 10.76
C LEU A 566 9.73 -13.43 10.26
N MET A 567 9.59 -12.38 9.45
CA MET A 567 8.32 -12.12 8.78
C MET A 567 7.89 -13.30 7.93
N ALA A 568 8.81 -13.85 7.15
CA ALA A 568 8.49 -14.98 6.30
C ALA A 568 8.07 -16.19 7.12
N LEU A 569 8.78 -16.47 8.21
CA LEU A 569 8.44 -17.61 9.05
C LEU A 569 7.06 -17.45 9.66
N ILE A 570 6.76 -16.25 10.18
CA ILE A 570 5.45 -16.00 10.76
C ILE A 570 4.37 -16.13 9.69
N LEU A 571 4.60 -15.54 8.51
CA LEU A 571 3.65 -15.65 7.41
C LEU A 571 3.33 -17.10 7.11
N ILE A 572 4.37 -17.90 6.86
CA ILE A 572 4.16 -19.28 6.45
C ILE A 572 3.44 -20.06 7.54
N VAL A 573 3.91 -19.96 8.79
CA VAL A 573 3.36 -20.80 9.84
C VAL A 573 1.91 -20.42 10.14
N THR A 574 1.64 -19.12 10.31
CA THR A 574 0.28 -18.71 10.63
C THR A 574 -0.68 -19.05 9.49
N THR A 575 -0.29 -18.75 8.23
CA THR A 575 -1.22 -19.02 7.15
C THR A 575 -1.43 -20.51 6.93
N THR A 576 -0.39 -21.33 7.13
CA THR A 576 -0.58 -22.77 6.94
C THR A 576 -1.44 -23.36 8.05
N VAL A 577 -1.30 -22.86 9.28
CA VAL A 577 -2.15 -23.36 10.37
C VAL A 577 -3.60 -22.93 10.14
N LEU A 578 -3.82 -21.70 9.69
CA LEU A 578 -5.16 -21.25 9.37
C LEU A 578 -5.75 -22.02 8.19
N MET A 579 -4.96 -22.35 7.18
CA MET A 579 -5.40 -23.23 6.11
C MET A 579 -5.79 -24.60 6.64
N PHE A 580 -5.00 -25.17 7.56
CA PHE A 580 -5.36 -26.47 8.12
C PHE A 580 -6.69 -26.41 8.83
N LEU A 581 -6.91 -25.39 9.66
CA LEU A 581 -8.21 -25.25 10.32
C LEU A 581 -9.34 -24.97 9.35
N ALA A 582 -9.06 -24.33 8.22
CA ALA A 582 -10.10 -24.06 7.22
C ALA A 582 -10.40 -25.24 6.32
N PHE A 583 -9.48 -26.20 6.20
CA PHE A 583 -9.60 -27.31 5.26
C PHE A 583 -9.64 -28.67 5.91
N GLY A 584 -9.15 -28.81 7.15
CA GLY A 584 -9.12 -30.11 7.78
C GLY A 584 -8.04 -31.03 7.26
N SER A 585 -7.15 -30.52 6.42
CA SER A 585 -6.11 -31.32 5.82
C SER A 585 -4.76 -30.73 6.18
N VAL A 586 -3.73 -31.56 6.17
CA VAL A 586 -2.37 -31.09 6.41
C VAL A 586 -1.68 -30.91 5.07
N VAL A 587 -2.04 -31.73 4.09
CA VAL A 587 -1.37 -31.66 2.79
C VAL A 587 -1.77 -30.38 2.04
N LEU A 588 -3.06 -30.02 2.10
CA LEU A 588 -3.53 -28.84 1.40
C LEU A 588 -2.87 -27.54 1.85
N PRO A 589 -2.65 -27.28 3.14
CA PRO A 589 -1.94 -26.05 3.52
C PRO A 589 -0.54 -25.93 2.93
N ILE A 590 0.26 -27.00 2.92
CA ILE A 590 1.56 -26.91 2.28
C ILE A 590 1.42 -26.75 0.77
N LYS A 591 0.47 -27.46 0.15
CA LYS A 591 0.31 -27.32 -1.29
C LYS A 591 -0.04 -25.88 -1.65
N ALA A 592 -0.91 -25.25 -0.87
CA ALA A 592 -1.31 -23.87 -1.13
C ALA A 592 -0.24 -22.87 -0.74
N ALA A 593 0.53 -23.12 0.31
CA ALA A 593 1.65 -22.23 0.66
C ALA A 593 2.74 -22.26 -0.39
N LEU A 594 3.03 -23.43 -0.96
CA LEU A 594 4.02 -23.49 -2.04
C LEU A 594 3.58 -22.69 -3.25
N MET A 595 2.31 -22.79 -3.63
CA MET A 595 1.82 -22.00 -4.74
C MET A 595 1.76 -20.52 -4.42
N SER A 596 1.43 -20.17 -3.18
CA SER A 596 1.47 -18.77 -2.77
C SER A 596 2.90 -18.22 -2.87
N ALA A 597 3.87 -19.01 -2.44
CA ALA A 597 5.28 -18.60 -2.56
C ALA A 597 5.67 -18.44 -4.02
N LEU A 598 5.25 -19.37 -4.88
CA LEU A 598 5.56 -19.27 -6.30
C LEU A 598 4.92 -18.04 -6.92
N THR A 599 3.65 -17.78 -6.59
CA THR A 599 2.97 -16.60 -7.10
C THR A 599 3.64 -15.32 -6.63
N LEU A 600 4.02 -15.28 -5.35
CA LEU A 600 4.72 -14.12 -4.82
C LEU A 600 6.06 -13.90 -5.53
N GLY A 601 6.82 -14.98 -5.73
CA GLY A 601 8.10 -14.86 -6.41
C GLY A 601 7.96 -14.37 -7.83
N SER A 602 7.00 -14.93 -8.57
CA SER A 602 6.76 -14.50 -9.94
C SER A 602 6.30 -13.04 -10.00
N THR A 603 5.40 -12.64 -9.10
CA THR A 603 4.92 -11.27 -9.09
C THR A 603 6.05 -10.31 -8.78
N MET A 604 6.89 -10.64 -7.79
CA MET A 604 8.03 -9.79 -7.45
C MET A 604 9.02 -9.73 -8.61
N GLY A 605 9.21 -10.84 -9.32
CA GLY A 605 10.11 -10.82 -10.46
C GLY A 605 9.61 -9.91 -11.57
N ILE A 606 8.31 -9.99 -11.87
CA ILE A 606 7.75 -9.11 -12.90
C ILE A 606 7.79 -7.66 -12.44
N LEU A 607 7.60 -7.43 -11.14
CA LEU A 607 7.66 -6.06 -10.64
C LEU A 607 9.07 -5.49 -10.75
N THR A 608 10.08 -6.27 -10.43
CA THR A 608 11.46 -5.84 -10.63
C THR A 608 11.75 -5.66 -12.12
N TRP A 609 11.13 -6.48 -12.97
CA TRP A 609 11.29 -6.31 -14.42
C TRP A 609 10.71 -4.98 -14.90
N MET A 610 9.58 -4.57 -14.33
CA MET A 610 8.88 -3.40 -14.85
C MET A 610 9.33 -2.10 -14.19
N PHE A 611 9.71 -2.13 -12.91
CA PHE A 611 9.93 -0.89 -12.17
C PHE A 611 11.38 -0.64 -11.81
N VAL A 612 12.19 -1.68 -11.66
CA VAL A 612 13.62 -1.52 -11.47
C VAL A 612 14.37 -1.65 -12.78
N ASP A 613 14.07 -2.71 -13.53
CA ASP A 613 14.74 -2.91 -14.81
C ASP A 613 14.21 -1.96 -15.88
N GLY A 614 12.95 -1.55 -15.77
CA GLY A 614 12.43 -0.48 -16.59
C GLY A 614 11.60 -0.88 -17.80
N HIS A 615 11.30 -2.15 -17.98
CA HIS A 615 10.50 -2.58 -19.12
C HIS A 615 9.03 -2.23 -18.87
N GLY A 616 8.48 -1.36 -19.71
CA GLY A 616 7.16 -0.82 -19.53
C GLY A 616 7.12 0.56 -18.91
N SER A 617 8.27 1.14 -18.60
CA SER A 617 8.34 2.46 -17.99
C SER A 617 8.03 3.59 -18.95
N GLY A 618 8.14 3.35 -20.26
CA GLY A 618 7.83 4.37 -21.24
C GLY A 618 6.37 4.40 -21.60
N LEU A 619 5.69 3.27 -21.44
CA LEU A 619 4.26 3.19 -21.71
C LEU A 619 3.43 3.73 -20.55
N MET A 620 3.76 3.34 -19.34
CA MET A 620 2.99 3.75 -18.17
C MET A 620 3.47 5.09 -17.60
N ASN A 621 4.50 5.69 -18.20
CA ASN A 621 4.96 7.04 -17.86
C ASN A 621 5.42 7.11 -16.40
N TYR A 622 6.45 6.32 -16.09
CA TYR A 622 7.15 6.43 -14.82
C TYR A 622 8.64 6.26 -15.09
N THR A 623 9.43 6.29 -14.01
CA THR A 623 10.87 6.26 -14.10
C THR A 623 11.42 5.00 -13.45
N PRO A 624 12.27 4.24 -14.13
CA PRO A 624 12.91 3.08 -13.49
C PRO A 624 13.85 3.54 -12.38
N GLN A 625 13.75 2.89 -11.22
CA GLN A 625 14.50 3.31 -10.05
C GLN A 625 14.41 2.20 -8.99
N PRO A 626 15.31 2.20 -8.03
CA PRO A 626 15.21 1.25 -6.91
C PRO A 626 13.89 1.45 -6.15
N LEU A 627 13.35 0.33 -5.68
CA LEU A 627 12.06 0.31 -5.03
C LEU A 627 12.15 0.88 -3.61
N MET A 628 11.01 1.34 -3.10
CA MET A 628 10.94 1.85 -1.74
C MET A 628 11.10 0.68 -0.77
N ALA A 629 12.01 0.82 0.18
CA ALA A 629 12.35 -0.32 1.04
C ALA A 629 11.18 -0.79 1.90
N PRO A 630 10.49 0.06 2.66
CA PRO A 630 9.41 -0.46 3.53
C PRO A 630 8.32 -1.21 2.77
N MET A 631 8.06 -0.83 1.52
CA MET A 631 6.93 -1.40 0.80
C MET A 631 7.19 -2.80 0.27
N ILE A 632 8.44 -3.27 0.31
CA ILE A 632 8.71 -4.66 -0.10
C ILE A 632 7.94 -5.62 0.80
N GLY A 633 8.08 -5.45 2.11
CA GLY A 633 7.33 -6.29 3.04
C GLY A 633 5.84 -6.07 2.94
N LEU A 634 5.42 -4.83 2.71
CA LEU A 634 4.00 -4.55 2.54
C LEU A 634 3.41 -5.36 1.39
N ILE A 635 4.05 -5.29 0.22
CA ILE A 635 3.47 -5.97 -0.94
C ILE A 635 3.64 -7.47 -0.80
N ILE A 636 4.69 -7.93 -0.12
CA ILE A 636 4.81 -9.37 0.16
C ILE A 636 3.61 -9.84 0.97
N ALA A 637 3.29 -9.12 2.05
CA ALA A 637 2.16 -9.50 2.89
C ALA A 637 0.86 -9.44 2.11
N VAL A 638 0.67 -8.40 1.30
CA VAL A 638 -0.59 -8.24 0.59
C VAL A 638 -0.78 -9.36 -0.44
N ILE A 639 0.26 -9.62 -1.25
CA ILE A 639 0.15 -10.67 -2.26
C ILE A 639 -0.08 -12.02 -1.60
N TRP A 640 0.65 -12.31 -0.52
CA TRP A 640 0.47 -13.58 0.16
C TRP A 640 -0.95 -13.72 0.69
N GLY A 641 -1.48 -12.66 1.30
CA GLY A 641 -2.82 -12.73 1.85
C GLY A 641 -3.88 -12.97 0.80
N LEU A 642 -3.82 -12.21 -0.30
CA LEU A 642 -4.84 -12.37 -1.34
C LEU A 642 -4.70 -13.72 -2.06
N SER A 643 -3.47 -14.18 -2.29
CA SER A 643 -3.29 -15.49 -2.91
C SER A 643 -3.87 -16.58 -2.03
N THR A 644 -3.65 -16.49 -0.72
CA THR A 644 -4.26 -17.45 0.20
C THR A 644 -5.77 -17.33 0.21
N ASP A 645 -6.30 -16.11 0.11
CA ASP A 645 -7.75 -15.92 0.05
C ASP A 645 -8.35 -16.65 -1.14
N TYR A 646 -7.72 -16.49 -2.30
CA TYR A 646 -8.28 -17.11 -3.50
C TYR A 646 -8.10 -18.63 -3.47
N GLU A 647 -7.00 -19.12 -2.89
CA GLU A 647 -6.88 -20.54 -2.64
C GLU A 647 -8.01 -21.04 -1.75
N VAL A 648 -8.34 -20.30 -0.70
CA VAL A 648 -9.40 -20.72 0.21
C VAL A 648 -10.74 -20.71 -0.50
N PHE A 649 -11.02 -19.67 -1.29
CA PHE A 649 -12.26 -19.60 -2.05
C PHE A 649 -12.39 -20.81 -2.96
N LEU A 650 -11.30 -21.18 -3.65
CA LEU A 650 -11.35 -22.32 -4.56
C LEU A 650 -11.46 -23.65 -3.83
N VAL A 651 -10.76 -23.79 -2.71
CA VAL A 651 -10.57 -25.11 -2.08
C VAL A 651 -11.64 -25.44 -1.05
N SER A 652 -12.34 -24.44 -0.50
CA SER A 652 -13.41 -24.72 0.45
C SER A 652 -14.51 -25.56 -0.19
N ARG A 653 -14.87 -25.22 -1.43
CA ARG A 653 -15.90 -25.99 -2.12
C ARG A 653 -15.44 -27.41 -2.40
N MET A 654 -14.16 -27.58 -2.78
CA MET A 654 -13.64 -28.93 -3.00
C MET A 654 -13.65 -29.75 -1.72
N VAL A 655 -13.26 -29.15 -0.60
CA VAL A 655 -13.29 -29.86 0.68
C VAL A 655 -14.72 -30.23 1.04
N GLU A 656 -15.67 -29.32 0.82
CA GLU A 656 -17.06 -29.61 1.11
C GLU A 656 -17.59 -30.77 0.26
N ALA A 657 -17.26 -30.76 -1.04
CA ALA A 657 -17.67 -31.85 -1.92
C ALA A 657 -17.04 -33.17 -1.50
N ARG A 658 -15.75 -33.15 -1.12
CA ARG A 658 -15.10 -34.38 -0.69
C ARG A 658 -15.72 -34.91 0.60
N GLU A 659 -16.08 -34.01 1.52
CA GLU A 659 -16.76 -34.44 2.74
C GLU A 659 -18.14 -34.99 2.45
N ARG A 660 -18.78 -34.54 1.36
CA ARG A 660 -20.03 -35.16 0.97
C ARG A 660 -19.85 -36.63 0.63
N GLY A 661 -18.73 -36.97 -0.01
CA GLY A 661 -18.45 -38.36 -0.33
C GLY A 661 -17.90 -38.53 -1.72
N MET A 662 -17.74 -37.42 -2.43
CA MET A 662 -17.24 -37.43 -3.78
C MET A 662 -15.77 -37.85 -3.81
N SER A 663 -15.32 -38.36 -4.95
CA SER A 663 -13.91 -38.70 -5.10
C SER A 663 -13.09 -37.43 -5.24
N THR A 664 -11.77 -37.60 -5.32
CA THR A 664 -10.88 -36.45 -5.43
C THR A 664 -11.15 -35.67 -6.71
N ALA A 665 -11.27 -36.39 -7.83
CA ALA A 665 -11.55 -35.73 -9.11
C ALA A 665 -12.90 -35.05 -9.10
N GLU A 666 -13.92 -35.71 -8.55
CA GLU A 666 -15.25 -35.11 -8.48
C GLU A 666 -15.22 -33.85 -7.62
N ALA A 667 -14.51 -33.89 -6.50
CA ALA A 667 -14.43 -32.71 -5.63
C ALA A 667 -13.73 -31.56 -6.34
N ILE A 668 -12.65 -31.84 -7.05
CA ILE A 668 -11.95 -30.80 -7.79
C ILE A 668 -12.88 -30.17 -8.83
N ARG A 669 -13.58 -31.03 -9.59
CA ARG A 669 -14.50 -30.55 -10.62
C ARG A 669 -15.58 -29.67 -10.02
N ILE A 670 -16.27 -30.16 -8.98
CA ILE A 670 -17.38 -29.41 -8.41
C ILE A 670 -16.89 -28.12 -7.79
N GLY A 671 -15.77 -28.17 -7.07
CA GLY A 671 -15.25 -26.97 -6.44
C GLY A 671 -14.90 -25.90 -7.44
N THR A 672 -14.26 -26.27 -8.56
CA THR A 672 -13.94 -25.25 -9.54
C THR A 672 -15.19 -24.76 -10.28
N ALA A 673 -16.12 -25.67 -10.57
CA ALA A 673 -17.29 -25.29 -11.36
C ALA A 673 -18.22 -24.38 -10.57
N THR A 674 -18.45 -24.68 -9.30
CA THR A 674 -19.40 -23.88 -8.51
C THR A 674 -18.87 -22.48 -8.24
N THR A 675 -17.56 -22.32 -8.12
CA THR A 675 -16.97 -21.02 -7.83
C THR A 675 -16.30 -20.38 -9.04
N GLY A 676 -16.47 -20.96 -10.23
CA GLY A 676 -15.78 -20.48 -11.41
C GLY A 676 -16.09 -19.05 -11.79
N ARG A 677 -17.33 -18.81 -12.22
CA ARG A 677 -17.72 -17.45 -12.57
C ARG A 677 -17.67 -16.52 -11.37
N LEU A 678 -17.84 -17.08 -10.16
CA LEU A 678 -17.84 -16.24 -8.97
C LEU A 678 -16.44 -15.72 -8.67
N ILE A 679 -15.44 -16.61 -8.69
CA ILE A 679 -14.06 -16.17 -8.50
C ILE A 679 -13.64 -15.28 -9.66
N THR A 680 -14.14 -15.56 -10.87
CA THR A 680 -13.84 -14.69 -12.01
C THR A 680 -14.35 -13.28 -11.75
N GLY A 681 -15.59 -13.15 -11.26
CA GLY A 681 -16.14 -11.83 -10.98
C GLY A 681 -15.43 -11.14 -9.83
N ALA A 682 -15.05 -11.90 -8.80
CA ALA A 682 -14.32 -11.31 -7.68
C ALA A 682 -12.97 -10.76 -8.14
N ALA A 683 -12.25 -11.54 -8.94
CA ALA A 683 -10.98 -11.08 -9.48
C ALA A 683 -11.17 -9.89 -10.40
N LEU A 684 -12.24 -9.90 -11.19
CA LEU A 684 -12.50 -8.77 -12.07
C LEU A 684 -12.76 -7.49 -11.27
N ILE A 685 -13.53 -7.60 -10.20
CA ILE A 685 -13.84 -6.42 -9.39
C ILE A 685 -12.57 -5.87 -8.73
N LEU A 686 -11.78 -6.76 -8.12
CA LEU A 686 -10.59 -6.29 -7.44
C LEU A 686 -9.57 -5.77 -8.45
N ALA A 687 -9.55 -6.34 -9.66
CA ALA A 687 -8.68 -5.84 -10.72
C ALA A 687 -9.13 -4.47 -11.23
N VAL A 688 -10.44 -4.24 -11.29
CA VAL A 688 -10.93 -2.90 -11.62
C VAL A 688 -10.44 -1.90 -10.59
N VAL A 689 -10.56 -2.24 -9.31
CA VAL A 689 -10.11 -1.32 -8.26
C VAL A 689 -8.61 -1.08 -8.38
N ALA A 690 -7.84 -2.14 -8.60
CA ALA A 690 -6.39 -2.00 -8.71
C ALA A 690 -5.99 -1.18 -9.92
N GLY A 691 -6.60 -1.46 -11.08
CA GLY A 691 -6.30 -0.72 -12.30
C GLY A 691 -6.71 0.72 -12.24
N ALA A 692 -7.70 1.05 -11.41
CA ALA A 692 -7.94 2.46 -11.12
C ALA A 692 -6.77 3.10 -10.40
N PHE A 693 -5.86 2.31 -9.84
CA PHE A 693 -4.72 2.82 -9.09
C PHE A 693 -3.40 2.67 -9.85
N VAL A 694 -3.41 2.07 -11.03
CA VAL A 694 -2.17 1.90 -11.79
C VAL A 694 -1.84 3.14 -12.60
N PHE A 695 -2.80 4.03 -12.82
CA PHE A 695 -2.55 5.30 -13.48
C PHE A 695 -2.13 6.38 -12.50
N SER A 696 -1.69 5.99 -11.30
CA SER A 696 -1.23 6.95 -10.31
C SER A 696 0.03 7.64 -10.78
N ASP A 697 0.18 8.92 -10.41
CA ASP A 697 1.43 9.61 -10.67
C ASP A 697 2.56 9.05 -9.81
N LEU A 698 2.24 8.62 -8.60
CA LEU A 698 3.25 8.15 -7.67
C LEU A 698 3.70 6.74 -8.02
N VAL A 699 5.01 6.54 -8.09
CA VAL A 699 5.56 5.30 -8.65
C VAL A 699 5.31 4.12 -7.71
N MET A 700 5.37 4.34 -6.40
CA MET A 700 5.15 3.23 -5.47
C MET A 700 3.72 2.74 -5.51
N MET A 701 2.77 3.66 -5.72
CA MET A 701 1.38 3.26 -5.87
C MET A 701 1.18 2.42 -7.12
N LYS A 702 1.81 2.83 -8.23
CA LYS A 702 1.76 2.04 -9.45
C LYS A 702 2.34 0.66 -9.23
N TYR A 703 3.48 0.59 -8.54
CA TYR A 703 4.15 -0.68 -8.30
C TYR A 703 3.27 -1.62 -7.48
N LEU A 704 2.66 -1.09 -6.41
CA LEU A 704 1.81 -1.93 -5.58
C LEU A 704 0.56 -2.38 -6.33
N ALA A 705 -0.08 -1.46 -7.06
CA ALA A 705 -1.28 -1.83 -7.81
C ALA A 705 -0.97 -2.85 -8.90
N PHE A 706 0.18 -2.70 -9.57
CA PHE A 706 0.56 -3.68 -10.58
C PHE A 706 0.87 -5.02 -9.96
N GLY A 707 1.50 -5.03 -8.78
CA GLY A 707 1.67 -6.29 -8.07
C GLY A 707 0.34 -6.95 -7.77
N LEU A 708 -0.64 -6.15 -7.35
CA LEU A 708 -1.98 -6.70 -7.09
C LEU A 708 -2.58 -7.29 -8.36
N LEU A 709 -2.48 -6.57 -9.47
CA LEU A 709 -3.05 -7.08 -10.73
C LEU A 709 -2.36 -8.36 -11.18
N ILE A 710 -1.04 -8.41 -11.10
CA ILE A 710 -0.30 -9.59 -11.54
C ILE A 710 -0.64 -10.78 -10.65
N ALA A 711 -0.71 -10.56 -9.33
CA ALA A 711 -1.10 -11.62 -8.42
C ALA A 711 -2.50 -12.13 -8.73
N LEU A 712 -3.43 -11.22 -9.00
CA LEU A 712 -4.78 -11.64 -9.36
C LEU A 712 -4.80 -12.49 -10.62
N LEU A 713 -4.12 -12.02 -11.67
CA LEU A 713 -4.14 -12.75 -12.93
C LEU A 713 -3.51 -14.13 -12.77
N LEU A 714 -2.38 -14.20 -12.09
CA LEU A 714 -1.75 -15.50 -11.87
C LEU A 714 -2.65 -16.42 -11.05
N ASP A 715 -3.22 -15.90 -9.96
CA ASP A 715 -4.00 -16.74 -9.07
C ASP A 715 -5.29 -17.22 -9.70
N ALA A 716 -5.89 -16.39 -10.56
CA ALA A 716 -7.20 -16.72 -11.12
C ALA A 716 -7.13 -17.39 -12.48
N THR A 717 -6.02 -17.27 -13.20
CA THR A 717 -5.97 -17.78 -14.57
C THR A 717 -4.82 -18.73 -14.85
N ILE A 718 -3.86 -18.88 -13.95
CA ILE A 718 -2.77 -19.82 -14.20
C ILE A 718 -2.64 -20.74 -13.00
N ILE A 719 -3.28 -20.34 -11.90
CA ILE A 719 -3.30 -21.13 -10.67
C ILE A 719 -4.67 -21.73 -10.42
N ARG A 720 -5.73 -20.97 -10.66
CA ARG A 720 -7.07 -21.47 -10.39
C ARG A 720 -7.50 -22.52 -11.42
N MET A 721 -7.25 -22.27 -12.70
CA MET A 721 -7.83 -23.15 -13.71
C MET A 721 -7.00 -24.42 -13.88
N PHE A 722 -5.69 -24.28 -14.11
CA PHE A 722 -4.90 -25.47 -14.39
C PHE A 722 -3.52 -25.52 -13.73
N LEU A 723 -3.40 -25.17 -12.45
CA LEU A 723 -2.31 -25.67 -11.62
C LEU A 723 -2.82 -26.41 -10.39
N VAL A 724 -3.77 -25.80 -9.68
CA VAL A 724 -4.35 -26.48 -8.52
C VAL A 724 -5.01 -27.80 -8.89
N PRO A 725 -5.87 -27.87 -9.92
CA PRO A 725 -6.44 -29.17 -10.28
C PRO A 725 -5.41 -30.20 -10.63
N ALA A 726 -4.36 -29.81 -11.35
CA ALA A 726 -3.34 -30.77 -11.76
C ALA A 726 -2.57 -31.30 -10.55
N VAL A 727 -2.18 -30.41 -9.64
CA VAL A 727 -1.41 -30.86 -8.48
C VAL A 727 -2.28 -31.69 -7.55
N MET A 728 -3.55 -31.32 -7.38
CA MET A 728 -4.44 -32.13 -6.56
C MET A 728 -4.68 -33.50 -7.17
N LYS A 729 -4.86 -33.56 -8.49
CA LYS A 729 -5.00 -34.86 -9.15
C LYS A 729 -3.75 -35.70 -8.97
N LEU A 730 -2.57 -35.09 -9.06
CA LEU A 730 -1.34 -35.83 -8.85
C LEU A 730 -1.24 -36.35 -7.42
N LEU A 731 -1.57 -35.50 -6.44
CA LEU A 731 -1.49 -35.92 -5.04
C LEU A 731 -2.47 -37.05 -4.75
N GLY A 732 -3.70 -36.94 -5.24
CA GLY A 732 -4.67 -38.00 -5.12
C GLY A 732 -5.41 -37.94 -3.81
N ASP A 733 -5.55 -39.09 -3.16
CA ASP A 733 -6.26 -39.16 -1.89
C ASP A 733 -5.48 -38.51 -0.75
N ASP A 734 -4.21 -38.21 -0.96
CA ASP A 734 -3.43 -37.57 0.09
C ASP A 734 -3.89 -36.13 0.32
N CYS A 735 -4.60 -35.54 -0.66
CA CYS A 735 -5.04 -34.16 -0.55
C CYS A 735 -5.84 -33.90 0.72
N TRP A 736 -6.58 -34.91 1.19
CA TRP A 736 -7.54 -34.73 2.26
C TRP A 736 -7.06 -35.35 3.57
N TRP A 737 -5.75 -35.53 3.72
CA TRP A 737 -5.19 -36.23 4.86
C TRP A 737 -4.74 -35.26 5.94
N ALA A 738 -4.88 -35.69 7.19
CA ALA A 738 -4.47 -34.96 8.37
C ALA A 738 -4.45 -35.91 9.57
N PRO A 739 -3.42 -35.88 10.40
CA PRO A 739 -3.36 -36.82 11.52
C PRO A 739 -4.49 -36.61 12.51
N ARG A 740 -4.83 -37.69 13.22
CA ARG A 740 -5.93 -37.64 14.19
C ARG A 740 -5.63 -36.67 15.32
N TRP A 741 -4.36 -36.49 15.67
CA TRP A 741 -4.03 -35.55 16.74
C TRP A 741 -4.21 -34.10 16.31
N MET A 742 -4.23 -33.84 15.00
CA MET A 742 -4.56 -32.51 14.48
C MET A 742 -6.06 -32.35 14.26
N LYS A 743 -6.73 -33.41 13.81
CA LYS A 743 -8.19 -33.35 13.69
C LYS A 743 -8.85 -33.17 15.06
N ARG A 744 -8.27 -33.78 16.10
CA ARG A 744 -8.76 -33.55 17.46
C ARG A 744 -8.66 -32.07 17.82
N VAL A 745 -7.51 -31.45 17.50
CA VAL A 745 -7.32 -30.04 17.79
C VAL A 745 -8.37 -29.20 17.05
N GLN A 746 -8.56 -29.48 15.76
CA GLN A 746 -9.52 -28.70 14.99
C GLN A 746 -10.95 -28.86 15.53
N GLU A 747 -11.34 -30.10 15.81
CA GLU A 747 -12.71 -30.35 16.26
C GLU A 747 -12.95 -29.80 17.66
N LYS A 748 -11.90 -29.69 18.46
CA LYS A 748 -12.05 -29.18 19.81
C LYS A 748 -12.41 -27.70 19.86
N LEU A 749 -12.32 -26.99 18.75
CA LEU A 749 -12.48 -25.54 18.73
C LEU A 749 -13.81 -25.09 18.14
N GLY A 750 -14.66 -26.01 17.69
CA GLY A 750 -15.90 -25.65 17.06
C GLY A 750 -15.78 -25.20 15.62
N LEU A 751 -14.62 -25.39 14.99
CA LEU A 751 -14.39 -25.04 13.60
C LEU A 751 -14.19 -26.28 12.73
N GLY A 752 -14.42 -27.46 13.28
CA GLY A 752 -14.21 -28.68 12.52
C GLY A 752 -15.24 -28.90 11.43
N GLU A 753 -16.41 -28.28 11.59
CA GLU A 753 -17.51 -28.51 10.65
C GLU A 753 -17.21 -27.84 9.31
N THR A 754 -16.79 -28.64 8.33
CA THR A 754 -16.68 -28.19 6.94
C THR A 754 -17.56 -29.01 6.02
N GLU A 755 -18.57 -29.67 6.59
CA GLU A 755 -19.49 -30.53 5.85
C GLU A 755 -20.91 -30.06 6.13
N LEU A 756 -21.69 -29.83 5.08
CA LEU A 756 -23.07 -29.43 5.25
C LEU A 756 -23.94 -30.68 5.41
N PRO A 757 -24.27 -31.08 6.64
CA PRO A 757 -24.75 -32.45 6.88
C PRO A 757 -26.26 -32.65 6.84
N ASP A 758 -27.04 -31.59 7.08
CA ASP A 758 -28.46 -31.78 7.39
C ASP A 758 -29.23 -32.32 6.19
N GLU A 759 -29.09 -31.69 5.03
CA GLU A 759 -29.80 -32.11 3.80
C GLU A 759 -31.30 -32.19 4.01
N ARG A 760 -31.83 -31.39 4.94
CA ARG A 760 -33.23 -31.52 5.31
C ARG A 760 -34.10 -30.52 4.55
N LYS A 761 -35.41 -30.77 4.58
CA LYS A 761 -36.44 -29.89 4.00
C LYS A 761 -36.12 -29.68 2.52
N ARG A 762 -36.04 -28.44 2.04
CA ARG A 762 -35.79 -28.13 0.63
C ARG A 762 -36.80 -28.82 -0.28
#